data_8SU6
#
_entry.id   8SU6
#
_cell.length_a   60.172
_cell.length_b   64.131
_cell.length_c   67.252
_cell.angle_alpha   62.96
_cell.angle_beta   76.67
_cell.angle_gamma   62.43
#
_symmetry.space_group_name_H-M   'P 1'
#
loop_
_entity.id
_entity.type
_entity.pdbx_description
1 polymer 'UDP-4-amino-4-deoxy-L-arabinose--oxoglutarate aminotransferase'
2 non-polymer "PYRIDOXAL-5'-PHOSPHATE"
3 non-polymer 2-AMINO-2-HYDROXYMETHYL-PROPANE-1,3-DIOL
4 non-polymer ETHANOL
5 non-polymer (4S)-2-METHYL-2,4-PENTANEDIOL
6 water water
#
_entity_poly.entity_id   1
_entity_poly.type   'polypeptide(L)'
_entity_poly.pdbx_seq_one_letter_code
;MAHHHHHHMSDFLPFSRPSMGDAELAALREVLQSGWITTGPKNQALEEAFCQLTGNRHAIAVSSATGGMHVTLMAMGIGP
GDEVITPSQTWVSTLNMICLLGATPVMIDVDHDNLMITPEAVEAAITSRTKAIIPVHYAGAPADIDAIRAVGERHGIPVI
EDAAHAAGTHYKGRHVGWRGTAIFSFHAIKNMTCAEGGLIVTDDDELASRIRSLKFHGLGVDAYDRQTHGRAPQAEVITP
GFKYNLADINAALALVQLDKLAQANQRRAEIAQRYLRELADTPFKPLTIPAWDHQHAWHLFIIRVDEAACGISRDVLMEK
LKAMGIGTGLHFRAAHTQKYYRERFPEVSLPNTEWNSARICSIPLFPDMTDDDVTRVITALHQLSGR
;
_entity_poly.pdbx_strand_id   A,B
#
# COMPACT_ATOMS: atom_id res chain seq x y z
N MET A 9 0.02 10.07 30.32
CA MET A 9 -0.61 10.99 29.32
C MET A 9 -2.07 10.62 29.08
N SER A 10 -2.69 10.06 30.12
CA SER A 10 -4.10 9.66 30.01
C SER A 10 -5.02 10.88 29.90
N ASP A 11 -4.54 12.06 30.29
CA ASP A 11 -5.33 13.28 30.18
C ASP A 11 -4.97 14.10 28.93
N PHE A 12 -4.19 13.55 28.01
CA PHE A 12 -3.90 14.28 26.78
C PHE A 12 -5.10 14.23 25.84
N LEU A 13 -5.48 15.39 25.31
CA LEU A 13 -6.53 15.50 24.31
C LEU A 13 -5.88 15.64 22.94
N PRO A 14 -5.81 14.59 22.11
CA PRO A 14 -5.17 14.75 20.80
C PRO A 14 -6.05 15.54 19.86
N PHE A 15 -5.50 15.98 18.71
CA PHE A 15 -6.36 16.73 17.80
C PHE A 15 -7.31 15.81 17.06
N SER A 16 -7.02 14.50 17.00
CA SER A 16 -7.91 13.53 16.41
C SER A 16 -7.70 12.17 17.08
N ARG A 17 -8.77 11.38 17.13
CA ARG A 17 -8.72 9.98 17.51
C ARG A 17 -9.81 9.24 16.75
N PRO A 18 -9.58 7.98 16.35
CA PRO A 18 -10.66 7.24 15.68
C PRO A 18 -11.75 6.81 16.67
N SER A 19 -12.90 6.48 16.11
CA SER A 19 -14.03 5.96 16.88
C SER A 19 -14.16 4.44 16.73
N MET A 20 -13.16 3.70 17.17
CA MET A 20 -13.16 2.25 17.00
C MET A 20 -13.79 1.59 18.23
N GLY A 21 -14.73 0.67 18.01
CA GLY A 21 -15.42 0.00 19.09
C GLY A 21 -15.85 -1.41 18.74
N ASP A 22 -16.91 -1.88 19.40
CA ASP A 22 -17.34 -3.27 19.24
C ASP A 22 -17.80 -3.57 17.82
N ALA A 23 -18.39 -2.60 17.13
CA ALA A 23 -18.86 -2.86 15.77
C ALA A 23 -17.70 -3.16 14.84
N GLU A 24 -16.61 -2.40 14.95
CA GLU A 24 -15.43 -2.66 14.15
C GLU A 24 -14.84 -4.02 14.50
N LEU A 25 -14.79 -4.34 15.79
CA LEU A 25 -14.17 -5.61 16.16
C LEU A 25 -15.03 -6.78 15.67
N ALA A 26 -16.35 -6.60 15.65
CA ALA A 26 -17.23 -7.65 15.15
C ALA A 26 -17.07 -7.84 13.64
N ALA A 27 -16.89 -6.75 12.90
CA ALA A 27 -16.65 -6.87 11.47
C ALA A 27 -15.34 -7.60 11.21
N LEU A 28 -14.31 -7.29 12.01
CA LEU A 28 -13.04 -7.98 11.88
C LEU A 28 -13.18 -9.46 12.18
N ARG A 29 -13.91 -9.81 13.24
CA ARG A 29 -14.16 -11.21 13.56
C ARG A 29 -14.77 -11.93 12.37
N GLU A 30 -15.73 -11.30 11.71
CA GLU A 30 -16.40 -11.93 10.58
C GLU A 30 -15.42 -12.22 9.46
N VAL A 31 -14.54 -11.26 9.14
CA VAL A 31 -13.59 -11.49 8.06
C VAL A 31 -12.61 -12.58 8.45
N LEU A 32 -12.09 -12.51 9.67
CA LEU A 32 -11.15 -13.54 10.13
C LEU A 32 -11.78 -14.92 10.07
N GLN A 33 -13.01 -15.05 10.58
CA GLN A 33 -13.67 -16.35 10.56
C GLN A 33 -13.90 -16.86 9.15
N SER A 34 -14.12 -15.95 8.18
CA SER A 34 -14.34 -16.37 6.80
C SER A 34 -13.09 -16.96 6.17
N GLY A 35 -11.91 -16.61 6.66
CA GLY A 35 -10.68 -17.02 6.06
C GLY A 35 -10.31 -16.25 4.81
N TRP A 36 -11.13 -15.29 4.38
CA TRP A 36 -10.86 -14.51 3.16
C TRP A 36 -10.49 -13.11 3.63
N ILE A 37 -9.18 -12.89 3.81
CA ILE A 37 -8.76 -11.66 4.49
C ILE A 37 -8.23 -10.59 3.56
N THR A 38 -7.80 -10.92 2.36
CA THR A 38 -7.45 -9.81 1.48
C THR A 38 -8.60 -9.56 0.50
N THR A 39 -8.32 -8.81 -0.56
CA THR A 39 -9.37 -8.24 -1.40
C THR A 39 -10.39 -9.28 -1.82
N GLY A 40 -11.66 -8.97 -1.61
CA GLY A 40 -12.75 -9.89 -1.86
C GLY A 40 -14.10 -9.25 -1.71
N PRO A 41 -15.07 -9.97 -1.12
CA PRO A 41 -16.46 -9.45 -1.08
C PRO A 41 -16.61 -8.16 -0.29
N LYS A 42 -15.80 -7.92 0.74
CA LYS A 42 -15.94 -6.68 1.48
C LYS A 42 -15.51 -5.49 0.64
N ASN A 43 -14.47 -5.66 -0.19
CA ASN A 43 -14.08 -4.63 -1.17
C ASN A 43 -15.22 -4.33 -2.12
N GLN A 44 -15.85 -5.37 -2.66
CA GLN A 44 -16.95 -5.16 -3.60
C GLN A 44 -18.07 -4.40 -2.93
N ALA A 45 -18.39 -4.76 -1.68
CA ALA A 45 -19.47 -4.08 -0.96
C ALA A 45 -19.11 -2.64 -0.66
N LEU A 46 -17.85 -2.38 -0.30
CA LEU A 46 -17.44 -1.00 -0.08
C LEU A 46 -17.55 -0.17 -1.36
N GLU A 47 -17.12 -0.74 -2.48
CA GLU A 47 -17.22 -0.02 -3.76
C GLU A 47 -18.67 0.26 -4.12
N GLU A 48 -19.54 -0.75 -3.97
CA GLU A 48 -20.95 -0.54 -4.25
C GLU A 48 -21.52 0.52 -3.32
N ALA A 49 -21.10 0.50 -2.06
CA ALA A 49 -21.59 1.50 -1.12
C ALA A 49 -21.20 2.90 -1.53
N PHE A 50 -19.96 3.09 -2.05
CA PHE A 50 -19.54 4.42 -2.47
C PHE A 50 -20.21 4.86 -3.77
N CYS A 51 -20.57 3.92 -4.65
CA CYS A 51 -21.41 4.27 -5.79
C CYS A 51 -22.79 4.73 -5.33
N GLN A 52 -23.35 4.09 -4.31
CA GLN A 52 -24.66 4.56 -3.82
C GLN A 52 -24.54 5.89 -3.10
N LEU A 53 -23.45 6.10 -2.34
CA LEU A 53 -23.24 7.34 -1.61
C LEU A 53 -23.07 8.52 -2.56
N THR A 54 -22.23 8.37 -3.57
CA THR A 54 -21.91 9.48 -4.46
C THR A 54 -22.89 9.61 -5.60
N GLY A 55 -23.41 8.49 -6.09
CA GLY A 55 -24.19 8.46 -7.30
C GLY A 55 -23.36 8.21 -8.52
N ASN A 56 -22.06 8.10 -8.38
CA ASN A 56 -21.20 7.94 -9.54
C ASN A 56 -21.16 6.46 -9.93
N ARG A 57 -20.53 6.18 -11.07
CA ARG A 57 -20.68 4.88 -11.69
C ARG A 57 -19.70 3.84 -11.18
N HIS A 58 -18.43 4.21 -11.08
CA HIS A 58 -17.36 3.27 -10.74
C HIS A 58 -16.70 3.68 -9.44
N ALA A 59 -16.40 2.67 -8.62
CA ALA A 59 -15.68 2.88 -7.39
C ALA A 59 -14.58 1.84 -7.31
N ILE A 60 -13.35 2.29 -7.03
CA ILE A 60 -12.20 1.41 -6.94
C ILE A 60 -11.52 1.64 -5.59
N ALA A 61 -11.60 0.65 -4.72
CA ALA A 61 -10.92 0.72 -3.43
C ALA A 61 -9.43 0.49 -3.59
N VAL A 62 -8.62 1.27 -2.86
CA VAL A 62 -7.17 1.21 -2.92
C VAL A 62 -6.56 1.28 -1.52
N SER A 63 -5.25 1.03 -1.44
CA SER A 63 -4.56 0.90 -0.18
C SER A 63 -4.28 2.21 0.53
N SER A 64 -4.38 3.34 -0.20
CA SER A 64 -4.25 4.68 0.34
C SER A 64 -4.73 5.65 -0.74
N ALA A 65 -5.12 6.86 -0.32
CA ALA A 65 -5.45 7.88 -1.32
C ALA A 65 -4.23 8.28 -2.14
N THR A 66 -3.04 8.24 -1.52
CA THR A 66 -1.80 8.49 -2.27
C THR A 66 -1.66 7.51 -3.42
N GLY A 67 -1.77 6.22 -3.13
CA GLY A 67 -1.70 5.23 -4.21
C GLY A 67 -2.81 5.43 -5.22
N GLY A 68 -3.99 5.80 -4.76
CA GLY A 68 -5.08 6.11 -5.67
C GLY A 68 -4.73 7.24 -6.62
N MET A 69 -4.10 8.29 -6.11
CA MET A 69 -3.68 9.39 -6.96
C MET A 69 -2.61 8.93 -7.95
N HIS A 70 -1.67 8.11 -7.46
CA HIS A 70 -0.63 7.56 -8.31
C HIS A 70 -1.23 6.84 -9.51
N VAL A 71 -2.13 5.90 -9.26
CA VAL A 71 -2.66 5.07 -10.37
C VAL A 71 -3.64 5.86 -11.22
N THR A 72 -4.36 6.85 -10.66
CA THR A 72 -5.29 7.63 -11.47
C THR A 72 -4.51 8.47 -12.47
N LEU A 73 -3.50 9.19 -12.01
CA LEU A 73 -2.67 9.97 -12.93
C LEU A 73 -1.96 9.06 -13.93
N MET A 74 -1.47 7.91 -13.48
CA MET A 74 -0.83 6.98 -14.40
C MET A 74 -1.78 6.51 -15.48
N ALA A 75 -3.00 6.14 -15.08
CA ALA A 75 -4.02 5.65 -16.02
C ALA A 75 -4.41 6.70 -17.05
N MET A 76 -4.32 7.98 -16.68
CA MET A 76 -4.56 9.07 -17.63
C MET A 76 -3.40 9.29 -18.58
N GLY A 77 -2.28 8.60 -18.41
CA GLY A 77 -1.15 8.82 -19.30
C GLY A 77 -0.23 9.95 -18.92
N ILE A 78 -0.33 10.47 -17.68
CA ILE A 78 0.51 11.57 -17.22
C ILE A 78 1.96 11.10 -17.12
N GLY A 79 2.88 11.89 -17.66
CA GLY A 79 4.29 11.53 -17.72
C GLY A 79 5.17 12.70 -18.10
N PRO A 80 6.40 12.39 -18.50
CA PRO A 80 7.35 13.46 -18.84
C PRO A 80 6.80 14.44 -19.87
N GLY A 81 7.05 15.73 -19.66
CA GLY A 81 6.58 16.77 -20.54
C GLY A 81 5.21 17.32 -20.19
N ASP A 82 4.50 16.66 -19.28
CA ASP A 82 3.15 17.04 -18.88
C ASP A 82 3.19 17.90 -17.63
N GLU A 83 2.27 18.86 -17.57
CA GLU A 83 2.05 19.67 -16.39
C GLU A 83 0.74 19.28 -15.71
N VAL A 84 0.75 19.34 -14.40
CA VAL A 84 -0.43 19.10 -13.58
C VAL A 84 -0.59 20.28 -12.64
N ILE A 85 -1.73 20.95 -12.72
CA ILE A 85 -2.02 22.10 -11.86
C ILE A 85 -2.52 21.62 -10.50
N THR A 86 -1.92 22.14 -9.43
CA THR A 86 -2.25 21.72 -8.06
C THR A 86 -1.95 22.90 -7.16
N PRO A 87 -2.70 23.09 -6.08
CA PRO A 87 -2.18 23.94 -4.99
C PRO A 87 -0.86 23.41 -4.47
N SER A 88 -0.06 24.32 -3.92
CA SER A 88 0.98 23.99 -2.95
C SER A 88 0.38 23.71 -1.58
N GLN A 89 -0.73 24.37 -1.28
CA GLN A 89 -1.42 24.25 0.01
C GLN A 89 -2.23 22.97 -0.01
N THR A 90 -1.53 21.86 0.23
CA THR A 90 -2.10 20.51 0.26
C THR A 90 -1.05 19.60 0.88
N TRP A 91 -1.42 18.32 1.02
CA TRP A 91 -0.47 17.31 1.43
C TRP A 91 0.50 16.99 0.29
N VAL A 92 1.74 16.69 0.65
CA VAL A 92 2.79 16.53 -0.36
C VAL A 92 2.59 15.30 -1.24
N SER A 93 1.74 14.35 -0.84
CA SER A 93 1.54 13.14 -1.65
C SER A 93 1.23 13.47 -3.10
N THR A 94 0.31 14.41 -3.33
CA THR A 94 -0.08 14.70 -4.70
C THR A 94 1.10 15.22 -5.53
N LEU A 95 1.85 16.17 -4.98
CA LEU A 95 3.01 16.70 -5.69
C LEU A 95 4.02 15.60 -5.93
N ASN A 96 4.23 14.74 -4.94
CA ASN A 96 5.19 13.66 -5.09
C ASN A 96 4.78 12.70 -6.21
N MET A 97 3.50 12.35 -6.27
CA MET A 97 3.07 11.41 -7.31
C MET A 97 3.20 12.03 -8.69
N ILE A 98 2.91 13.31 -8.85
CA ILE A 98 3.13 13.98 -10.12
C ILE A 98 4.59 13.84 -10.55
N CYS A 99 5.50 14.19 -9.63
CA CYS A 99 6.93 14.13 -9.91
C CYS A 99 7.40 12.71 -10.22
N LEU A 100 6.90 11.73 -9.48
CA LEU A 100 7.39 10.36 -9.62
C LEU A 100 6.83 9.66 -10.86
N LEU A 101 5.87 10.28 -11.54
CA LEU A 101 5.47 9.86 -12.88
C LEU A 101 6.28 10.59 -13.95
N GLY A 102 7.17 11.49 -13.54
CA GLY A 102 7.99 12.28 -14.44
C GLY A 102 7.36 13.57 -14.91
N ALA A 103 6.16 13.90 -14.43
CA ALA A 103 5.48 15.12 -14.84
C ALA A 103 5.93 16.28 -13.93
N THR A 104 5.44 17.47 -14.26
CA THR A 104 5.82 18.70 -13.58
C THR A 104 4.63 19.28 -12.84
N PRO A 105 4.69 19.42 -11.52
CA PRO A 105 3.60 20.11 -10.83
C PRO A 105 3.70 21.60 -11.08
N VAL A 106 2.56 22.20 -11.37
CA VAL A 106 2.44 23.63 -11.56
C VAL A 106 1.62 24.14 -10.38
N MET A 107 2.34 24.68 -9.40
CA MET A 107 1.75 25.07 -8.14
C MET A 107 1.13 26.45 -8.26
N ILE A 108 -0.14 26.55 -7.85
CA ILE A 108 -0.89 27.79 -7.85
C ILE A 108 -1.33 28.15 -6.43
N ASP A 109 -1.70 29.41 -6.26
CA ASP A 109 -2.11 29.93 -4.96
C ASP A 109 -3.54 29.48 -4.66
N VAL A 110 -3.97 29.76 -3.45
CA VAL A 110 -5.32 29.44 -2.99
C VAL A 110 -6.00 30.70 -2.46
N ASP A 111 -7.32 30.63 -2.35
CA ASP A 111 -8.07 31.68 -1.68
C ASP A 111 -7.55 31.85 -0.25
N HIS A 112 -7.37 33.11 0.16
CA HIS A 112 -6.72 33.40 1.44
C HIS A 112 -7.57 33.03 2.65
N ASP A 113 -8.87 32.81 2.48
CA ASP A 113 -9.71 32.50 3.63
C ASP A 113 -10.31 31.10 3.64
N ASN A 114 -10.40 30.37 2.51
CA ASN A 114 -10.84 28.98 2.56
C ASN A 114 -9.78 27.99 2.06
N LEU A 115 -8.61 28.46 1.63
CA LEU A 115 -7.44 27.65 1.29
C LEU A 115 -7.66 26.75 0.09
N MET A 116 -8.61 27.07 -0.78
CA MET A 116 -8.91 26.28 -1.97
C MET A 116 -8.64 27.05 -3.25
N ILE A 117 -8.29 26.32 -4.31
CA ILE A 117 -7.97 26.99 -5.57
C ILE A 117 -9.23 27.55 -6.21
N THR A 118 -9.05 28.61 -6.93
CA THR A 118 -10.11 29.32 -7.65
C THR A 118 -10.08 29.01 -9.14
N PRO A 119 -11.21 29.11 -9.83
CA PRO A 119 -11.20 28.91 -11.29
C PRO A 119 -10.28 29.89 -12.00
N GLU A 120 -10.22 31.13 -11.52
CA GLU A 120 -9.35 32.12 -12.16
C GLU A 120 -7.88 31.74 -12.06
N ALA A 121 -7.44 31.22 -10.90
CA ALA A 121 -6.05 30.84 -10.72
C ALA A 121 -5.72 29.63 -11.57
N VAL A 122 -6.67 28.71 -11.71
CA VAL A 122 -6.51 27.58 -12.60
C VAL A 122 -6.34 28.04 -14.04
N GLU A 123 -7.26 28.88 -14.50
CA GLU A 123 -7.21 29.32 -15.90
C GLU A 123 -5.89 30.01 -16.21
N ALA A 124 -5.40 30.84 -15.27
CA ALA A 124 -4.17 31.57 -15.50
C ALA A 124 -2.97 30.65 -15.63
N ALA A 125 -3.02 29.46 -15.03
CA ALA A 125 -1.89 28.54 -15.00
C ALA A 125 -1.92 27.50 -16.13
N ILE A 126 -2.99 27.44 -16.91
CA ILE A 126 -3.06 26.47 -18.01
C ILE A 126 -2.07 26.84 -19.11
N THR A 127 -1.40 25.82 -19.64
CA THR A 127 -0.52 25.90 -20.80
C THR A 127 -0.85 24.72 -21.72
N SER A 128 -0.18 24.71 -22.87
CA SER A 128 -0.35 23.59 -23.78
C SER A 128 0.12 22.27 -23.19
N ARG A 129 0.86 22.29 -22.08
CA ARG A 129 1.33 21.07 -21.44
C ARG A 129 0.38 20.52 -20.40
N THR A 130 -0.62 21.30 -19.95
CA THR A 130 -1.47 20.89 -18.85
C THR A 130 -2.30 19.67 -19.21
N LYS A 131 -2.20 18.63 -18.38
N LYS A 131 -2.19 18.62 -18.39
CA LYS A 131 -2.92 17.38 -18.61
CA LYS A 131 -2.93 17.39 -18.60
C LYS A 131 -3.84 17.00 -17.46
C LYS A 131 -3.92 17.06 -17.50
N ALA A 132 -3.85 17.74 -16.36
CA ALA A 132 -4.82 17.54 -15.29
C ALA A 132 -4.81 18.75 -14.36
N ILE A 133 -5.94 18.93 -13.69
CA ILE A 133 -6.14 19.94 -12.66
C ILE A 133 -6.62 19.21 -11.42
N ILE A 134 -5.95 19.45 -10.28
CA ILE A 134 -6.29 18.71 -9.05
C ILE A 134 -6.69 19.69 -7.94
N PRO A 135 -7.96 20.08 -7.89
CA PRO A 135 -8.44 20.84 -6.75
C PRO A 135 -8.54 19.98 -5.50
N VAL A 136 -8.38 20.64 -4.35
CA VAL A 136 -8.53 20.04 -3.04
C VAL A 136 -9.76 20.61 -2.36
N HIS A 137 -10.63 19.72 -1.93
CA HIS A 137 -11.73 20.05 -1.04
C HIS A 137 -11.17 20.12 0.37
N TYR A 138 -11.01 21.32 0.91
CA TYR A 138 -10.16 21.53 2.08
C TYR A 138 -10.96 21.58 3.37
N ALA A 139 -10.52 20.77 4.33
CA ALA A 139 -11.02 20.71 5.70
C ALA A 139 -12.44 20.18 5.82
N GLY A 140 -13.07 19.79 4.72
CA GLY A 140 -14.44 19.28 4.72
C GLY A 140 -15.41 20.14 3.93
N ALA A 141 -14.98 21.30 3.51
CA ALA A 141 -15.75 22.12 2.58
C ALA A 141 -15.38 21.79 1.13
N PRO A 142 -16.33 21.93 0.20
CA PRO A 142 -15.99 21.68 -1.20
C PRO A 142 -15.46 22.93 -1.88
N ALA A 143 -14.50 22.72 -2.78
CA ALA A 143 -14.10 23.74 -3.73
C ALA A 143 -15.26 24.05 -4.66
N ASP A 144 -15.16 25.16 -5.41
CA ASP A 144 -16.22 25.54 -6.37
C ASP A 144 -16.08 24.69 -7.63
N ILE A 145 -16.46 23.42 -7.50
CA ILE A 145 -16.02 22.43 -8.48
C ILE A 145 -16.71 22.66 -9.84
N ASP A 146 -17.95 23.15 -9.90
CA ASP A 146 -18.55 23.42 -11.20
C ASP A 146 -17.75 24.47 -11.97
N ALA A 147 -17.28 25.51 -11.27
CA ALA A 147 -16.52 26.55 -11.95
C ALA A 147 -15.15 26.03 -12.39
N ILE A 148 -14.47 25.24 -11.55
CA ILE A 148 -13.19 24.66 -11.94
C ILE A 148 -13.38 23.67 -13.09
N ARG A 149 -14.43 22.83 -13.01
CA ARG A 149 -14.73 21.91 -14.10
C ARG A 149 -14.98 22.66 -15.41
N ALA A 150 -15.67 23.80 -15.35
CA ALA A 150 -15.97 24.54 -16.57
C ALA A 150 -14.69 25.03 -17.24
N VAL A 151 -13.69 25.44 -16.44
CA VAL A 151 -12.39 25.82 -17.00
C VAL A 151 -11.74 24.61 -17.66
N GLY A 152 -11.76 23.46 -16.98
CA GLY A 152 -11.19 22.26 -17.58
C GLY A 152 -11.87 21.89 -18.88
N GLU A 153 -13.20 21.88 -18.89
CA GLU A 153 -13.96 21.50 -20.08
C GLU A 153 -13.64 22.40 -21.26
N ARG A 154 -13.48 23.70 -20.99
CA ARG A 154 -13.24 24.65 -22.06
C ARG A 154 -11.89 24.40 -22.75
N HIS A 155 -10.95 23.80 -22.04
CA HIS A 155 -9.61 23.54 -22.54
C HIS A 155 -9.37 22.07 -22.85
N GLY A 156 -10.33 21.20 -22.54
CA GLY A 156 -10.16 19.77 -22.71
C GLY A 156 -9.21 19.13 -21.71
N ILE A 157 -9.21 19.62 -20.48
CA ILE A 157 -8.29 19.18 -19.44
C ILE A 157 -9.10 18.51 -18.34
N PRO A 158 -8.80 17.25 -17.99
CA PRO A 158 -9.52 16.58 -16.90
C PRO A 158 -9.24 17.21 -15.56
N VAL A 159 -10.27 17.17 -14.71
CA VAL A 159 -10.19 17.59 -13.30
C VAL A 159 -10.27 16.32 -12.44
N ILE A 160 -9.26 16.13 -11.59
CA ILE A 160 -9.21 15.02 -10.63
C ILE A 160 -9.31 15.62 -9.23
N GLU A 161 -10.36 15.28 -8.49
CA GLU A 161 -10.61 15.91 -7.21
C GLU A 161 -9.94 15.16 -6.06
N ASP A 162 -9.18 15.90 -5.24
CA ASP A 162 -8.63 15.37 -4.00
C ASP A 162 -9.70 15.56 -2.93
N ALA A 163 -10.43 14.49 -2.64
CA ALA A 163 -11.55 14.47 -1.71
C ALA A 163 -11.19 13.78 -0.40
N ALA A 164 -9.90 13.77 -0.04
CA ALA A 164 -9.47 13.16 1.20
C ALA A 164 -10.26 13.70 2.39
N HIS A 165 -10.53 15.00 2.40
CA HIS A 165 -11.21 15.62 3.53
C HIS A 165 -12.71 15.61 3.41
N ALA A 166 -13.25 14.97 2.35
CA ALA A 166 -14.60 15.27 1.91
C ALA A 166 -15.55 14.07 1.90
N ALA A 167 -15.28 13.05 2.70
CA ALA A 167 -16.29 12.03 2.92
C ALA A 167 -17.42 12.66 3.74
N GLY A 168 -18.61 12.75 3.15
CA GLY A 168 -19.74 13.43 3.74
C GLY A 168 -19.92 14.87 3.30
N THR A 169 -19.06 15.38 2.43
CA THR A 169 -19.21 16.73 1.92
C THR A 169 -20.20 16.75 0.78
N HIS A 170 -21.12 17.72 0.81
CA HIS A 170 -22.04 17.91 -0.28
C HIS A 170 -21.76 19.24 -0.97
N TYR A 171 -22.10 19.29 -2.25
CA TYR A 171 -21.93 20.47 -3.08
C TYR A 171 -23.17 20.58 -3.94
N LYS A 172 -23.89 21.69 -3.78
CA LYS A 172 -25.14 21.94 -4.49
C LYS A 172 -26.06 20.73 -4.44
N GLY A 173 -26.16 20.11 -3.26
CA GLY A 173 -27.14 19.08 -3.01
C GLY A 173 -26.72 17.68 -3.37
N ARG A 174 -25.51 17.48 -3.86
CA ARG A 174 -25.00 16.15 -4.14
C ARG A 174 -23.72 15.89 -3.37
N HIS A 175 -23.43 14.63 -3.11
CA HIS A 175 -22.15 14.30 -2.49
C HIS A 175 -21.02 14.59 -3.46
N VAL A 176 -19.89 15.07 -2.93
N VAL A 176 -19.89 15.07 -2.92
CA VAL A 176 -18.73 15.30 -3.78
CA VAL A 176 -18.68 15.24 -3.71
C VAL A 176 -18.36 14.01 -4.50
C VAL A 176 -18.38 13.97 -4.49
N GLY A 177 -17.95 14.14 -5.75
CA GLY A 177 -17.68 12.99 -6.60
C GLY A 177 -18.90 12.37 -7.24
N TRP A 178 -20.03 13.07 -7.27
CA TRP A 178 -21.23 12.51 -7.89
C TRP A 178 -21.03 12.35 -9.39
N ARG A 179 -20.15 13.15 -9.97
CA ARG A 179 -19.73 13.05 -11.36
C ARG A 179 -18.26 13.35 -11.39
N GLY A 180 -17.62 13.11 -12.53
CA GLY A 180 -16.20 13.37 -12.63
C GLY A 180 -15.42 12.28 -11.92
N THR A 181 -14.24 12.65 -11.41
CA THR A 181 -13.34 11.70 -10.76
C THR A 181 -12.88 12.31 -9.44
N ALA A 182 -12.97 11.55 -8.36
CA ALA A 182 -12.56 12.00 -7.04
C ALA A 182 -11.94 10.87 -6.25
N ILE A 183 -11.04 11.23 -5.34
CA ILE A 183 -10.27 10.27 -4.57
C ILE A 183 -10.45 10.58 -3.09
N PHE A 184 -10.98 9.60 -2.35
CA PHE A 184 -11.20 9.66 -0.90
C PHE A 184 -10.08 8.94 -0.14
N SER A 185 -9.88 9.33 1.11
CA SER A 185 -8.91 8.74 2.02
C SER A 185 -9.59 8.17 3.26
N PHE A 186 -9.10 7.01 3.71
CA PHE A 186 -9.54 6.36 4.95
C PHE A 186 -8.39 6.26 5.95
N HIS A 187 -7.40 7.16 5.85
CA HIS A 187 -6.35 7.25 6.86
C HIS A 187 -6.96 7.49 8.23
N ALA A 188 -6.19 7.14 9.27
CA ALA A 188 -6.63 7.17 10.67
C ALA A 188 -7.27 8.47 11.16
N ILE A 189 -6.90 9.64 10.63
CA ILE A 189 -7.53 10.89 11.09
C ILE A 189 -8.70 11.31 10.21
N LYS A 190 -9.01 10.57 9.15
CA LYS A 190 -10.10 10.91 8.25
CA LYS A 190 -10.10 10.98 8.28
C LYS A 190 -11.45 10.59 8.90
N ASN A 191 -12.51 11.20 8.36
CA ASN A 191 -13.80 11.11 9.05
C ASN A 191 -14.33 9.69 9.07
N MET A 192 -13.97 8.85 8.09
CA MET A 192 -14.14 7.41 8.19
C MET A 192 -12.79 6.77 7.91
N THR A 193 -12.41 5.79 8.72
CA THR A 193 -11.07 5.22 8.62
C THR A 193 -11.04 3.70 8.66
N CYS A 194 -10.08 3.15 7.93
CA CYS A 194 -9.68 1.76 8.10
C CYS A 194 -8.17 1.68 8.32
N ALA A 195 -7.63 2.70 9.00
CA ALA A 195 -6.24 2.90 9.36
C ALA A 195 -5.45 3.43 8.18
N GLU A 196 -5.41 2.68 7.08
CA GLU A 196 -4.91 3.16 5.79
C GLU A 196 -5.83 2.61 4.71
N GLY A 197 -6.18 3.45 3.76
CA GLY A 197 -7.03 3.04 2.68
C GLY A 197 -7.47 4.24 1.89
N GLY A 198 -8.09 3.98 0.75
CA GLY A 198 -8.70 5.04 -0.02
C GLY A 198 -9.61 4.48 -1.08
N LEU A 199 -10.19 5.37 -1.87
CA LEU A 199 -11.16 4.93 -2.87
C LEU A 199 -11.33 6.00 -3.94
N ILE A 200 -11.32 5.55 -5.19
CA ILE A 200 -11.49 6.38 -6.37
C ILE A 200 -12.90 6.16 -6.88
N VAL A 201 -13.62 7.26 -7.15
CA VAL A 201 -14.87 7.19 -7.91
C VAL A 201 -14.64 7.88 -9.24
N THR A 202 -15.24 7.33 -10.30
CA THR A 202 -15.14 7.97 -11.60
C THR A 202 -16.35 7.61 -12.45
N ASP A 203 -16.67 8.50 -13.40
CA ASP A 203 -17.72 8.26 -14.37
C ASP A 203 -17.18 7.77 -15.71
N ASP A 204 -15.88 7.56 -15.80
CA ASP A 204 -15.18 7.27 -17.04
C ASP A 204 -14.88 5.77 -17.08
N ASP A 205 -15.55 5.05 -17.97
CA ASP A 205 -15.41 3.58 -18.04
C ASP A 205 -13.97 3.18 -18.32
N GLU A 206 -13.36 3.79 -19.33
CA GLU A 206 -12.00 3.39 -19.69
C GLU A 206 -11.03 3.70 -18.55
N LEU A 207 -11.14 4.87 -17.93
CA LEU A 207 -10.28 5.18 -16.80
C LEU A 207 -10.44 4.16 -15.69
N ALA A 208 -11.69 3.81 -15.33
CA ALA A 208 -11.90 2.83 -14.27
C ALA A 208 -11.24 1.50 -14.61
N SER A 209 -11.40 1.06 -15.85
CA SER A 209 -10.79 -0.20 -16.27
C SER A 209 -9.28 -0.16 -16.11
N ARG A 210 -8.66 0.93 -16.53
CA ARG A 210 -7.22 1.02 -16.41
C ARG A 210 -6.78 1.06 -14.95
N ILE A 211 -7.47 1.87 -14.14
CA ILE A 211 -7.13 1.96 -12.73
C ILE A 211 -7.19 0.58 -12.06
N ARG A 212 -8.27 -0.18 -12.30
CA ARG A 212 -8.40 -1.47 -11.63
C ARG A 212 -7.23 -2.37 -11.94
N SER A 213 -6.76 -2.33 -13.19
CA SER A 213 -5.60 -3.13 -13.56
C SER A 213 -4.33 -2.60 -12.93
N LEU A 214 -4.12 -1.28 -12.99
CA LEU A 214 -2.86 -0.70 -12.53
C LEU A 214 -2.68 -0.72 -11.02
N LYS A 215 -3.74 -0.87 -10.21
CA LYS A 215 -3.58 -1.04 -8.77
C LYS A 215 -3.36 -2.49 -8.40
N PHE A 216 -3.35 -3.40 -9.37
CA PHE A 216 -3.10 -4.80 -9.08
C PHE A 216 -2.27 -5.41 -10.21
N HIS A 217 -1.02 -4.95 -10.28
CA HIS A 217 0.05 -5.55 -11.06
C HIS A 217 -0.11 -5.43 -12.56
N GLY A 218 -1.03 -4.60 -13.04
CA GLY A 218 -1.26 -4.48 -14.47
C GLY A 218 -1.93 -5.68 -15.08
N LEU A 219 -2.56 -6.52 -14.26
CA LEU A 219 -3.17 -7.73 -14.75
C LEU A 219 -4.50 -7.43 -15.44
N GLY A 220 -4.74 -8.13 -16.54
CA GLY A 220 -5.98 -8.01 -17.30
C GLY A 220 -6.07 -9.14 -18.30
N VAL A 221 -7.17 -9.15 -19.04
CA VAL A 221 -7.44 -10.22 -19.99
C VAL A 221 -7.10 -9.73 -21.39
N ASP A 222 -6.30 -10.51 -22.11
CA ASP A 222 -5.97 -10.17 -23.49
C ASP A 222 -7.04 -10.69 -24.44
N PRO A 233 -9.22 -15.53 -22.47
CA PRO A 233 -7.97 -16.07 -21.93
C PRO A 233 -7.78 -15.75 -20.45
N GLN A 234 -6.75 -16.32 -19.84
CA GLN A 234 -6.44 -16.09 -18.44
C GLN A 234 -5.83 -14.71 -18.23
N ALA A 235 -5.94 -14.21 -17.01
CA ALA A 235 -5.34 -12.92 -16.68
C ALA A 235 -3.82 -13.00 -16.78
N GLU A 236 -3.21 -11.92 -17.27
CA GLU A 236 -1.77 -11.82 -17.44
C GLU A 236 -1.41 -10.34 -17.43
N VAL A 237 -0.13 -10.02 -17.27
CA VAL A 237 0.28 -8.61 -17.28
C VAL A 237 0.11 -8.04 -18.68
N ILE A 238 -0.74 -7.03 -18.79
CA ILE A 238 -0.94 -6.28 -20.02
C ILE A 238 0.05 -5.12 -20.14
N THR A 239 0.33 -4.45 -19.03
CA THR A 239 1.38 -3.45 -18.91
C THR A 239 1.74 -3.40 -17.42
N PRO A 240 2.97 -3.08 -17.07
CA PRO A 240 3.34 -3.12 -15.64
C PRO A 240 2.47 -2.22 -14.79
N GLY A 241 2.04 -2.74 -13.65
CA GLY A 241 1.29 -1.96 -12.68
C GLY A 241 1.84 -2.12 -11.28
N PHE A 242 1.19 -1.43 -10.36
CA PHE A 242 1.60 -1.36 -8.97
C PHE A 242 0.71 -2.25 -8.13
N LYS A 243 1.00 -2.31 -6.84
CA LYS A 243 0.18 -3.06 -5.89
C LYS A 243 -0.39 -2.07 -4.88
N TYR A 244 -1.65 -1.73 -5.09
CA TYR A 244 -2.38 -0.81 -4.21
C TYR A 244 -3.77 -1.34 -3.89
N ASN A 245 -3.93 -2.65 -3.83
CA ASN A 245 -5.25 -3.19 -3.48
C ASN A 245 -5.46 -3.08 -1.98
N LEU A 246 -6.74 -3.03 -1.61
CA LEU A 246 -7.16 -2.90 -0.22
C LEU A 246 -7.61 -4.26 0.30
N ALA A 247 -7.07 -4.66 1.43
CA ALA A 247 -7.45 -5.94 2.03
C ALA A 247 -8.89 -5.91 2.52
N ASP A 248 -9.52 -7.09 2.58
CA ASP A 248 -10.89 -7.12 3.09
C ASP A 248 -10.96 -6.82 4.58
N ILE A 249 -9.92 -7.12 5.35
CA ILE A 249 -9.90 -6.73 6.77
CA ILE A 249 -9.95 -6.74 6.76
C ILE A 249 -10.14 -5.23 6.87
N ASN A 250 -9.43 -4.47 6.05
CA ASN A 250 -9.57 -3.03 6.06
C ASN A 250 -10.89 -2.58 5.47
N ALA A 251 -11.32 -3.19 4.35
CA ALA A 251 -12.57 -2.78 3.75
C ALA A 251 -13.73 -2.99 4.71
N ALA A 252 -13.67 -4.06 5.51
CA ALA A 252 -14.72 -4.29 6.51
C ALA A 252 -14.78 -3.18 7.56
N LEU A 253 -13.62 -2.73 8.04
CA LEU A 253 -13.58 -1.57 8.92
C LEU A 253 -14.18 -0.34 8.23
N ALA A 254 -13.81 -0.11 6.97
CA ALA A 254 -14.33 1.05 6.26
C ALA A 254 -15.85 1.00 6.12
N LEU A 255 -16.43 -0.20 5.92
CA LEU A 255 -17.88 -0.32 5.83
C LEU A 255 -18.55 0.07 7.14
N VAL A 256 -18.00 -0.39 8.28
CA VAL A 256 -18.53 0.01 9.58
C VAL A 256 -18.44 1.53 9.72
N GLN A 257 -17.28 2.10 9.40
CA GLN A 257 -17.08 3.54 9.55
C GLN A 257 -17.95 4.37 8.60
N LEU A 258 -18.27 3.84 7.41
CA LEU A 258 -19.22 4.50 6.52
C LEU A 258 -20.62 4.49 7.12
N ASP A 259 -21.02 3.37 7.70
CA ASP A 259 -22.30 3.29 8.38
C ASP A 259 -22.39 4.32 9.52
N LYS A 260 -21.25 4.62 10.16
CA LYS A 260 -21.18 5.60 11.24
C LYS A 260 -21.02 7.03 10.75
N LEU A 261 -20.72 7.23 9.47
CA LEU A 261 -20.24 8.52 9.01
C LEU A 261 -21.27 9.65 9.20
N ALA A 262 -22.55 9.39 8.95
CA ALA A 262 -23.52 10.48 9.08
C ALA A 262 -23.58 10.98 10.51
N GLN A 263 -23.64 10.06 11.46
CA GLN A 263 -23.66 10.46 12.86
C GLN A 263 -22.32 11.08 13.28
N ALA A 264 -21.21 10.53 12.79
CA ALA A 264 -19.90 11.12 13.12
C ALA A 264 -19.81 12.55 12.63
N ASN A 265 -20.26 12.81 11.42
CA ASN A 265 -20.18 14.15 10.86
C ASN A 265 -21.16 15.10 11.54
N GLN A 266 -22.33 14.61 11.95
CA GLN A 266 -23.26 15.44 12.72
C GLN A 266 -22.60 15.93 14.01
N ARG A 267 -21.89 15.04 14.71
CA ARG A 267 -21.22 15.45 15.93
C ARG A 267 -20.07 16.40 15.63
N ARG A 268 -19.29 16.11 14.60
CA ARG A 268 -18.25 17.05 14.18
C ARG A 268 -18.82 18.42 13.89
N ALA A 269 -19.97 18.48 13.23
CA ALA A 269 -20.55 19.78 12.90
C ALA A 269 -20.99 20.51 14.17
N GLU A 270 -21.51 19.77 15.14
CA GLU A 270 -21.91 20.40 16.40
C GLU A 270 -20.71 21.00 17.11
N ILE A 271 -19.58 20.28 17.08
CA ILE A 271 -18.36 20.80 17.72
C ILE A 271 -17.87 22.02 16.97
N ALA A 272 -17.79 21.91 15.64
CA ALA A 272 -17.27 23.01 14.84
C ALA A 272 -18.14 24.25 14.98
N GLN A 273 -19.46 24.07 15.03
CA GLN A 273 -20.34 25.23 15.22
C GLN A 273 -20.04 25.92 16.54
N ARG A 274 -19.79 25.13 17.60
CA ARG A 274 -19.44 25.73 18.88
C ARG A 274 -18.12 26.49 18.82
N TYR A 275 -17.13 25.93 18.11
CA TYR A 275 -15.87 26.65 17.92
C TYR A 275 -16.10 27.96 17.17
N LEU A 276 -16.87 27.90 16.09
CA LEU A 276 -17.15 29.13 15.33
C LEU A 276 -17.76 30.18 16.23
N ARG A 277 -18.75 29.79 17.05
CA ARG A 277 -19.40 30.77 17.90
C ARG A 277 -18.44 31.29 18.98
N GLU A 278 -17.78 30.38 19.69
CA GLU A 278 -17.08 30.79 20.89
C GLU A 278 -15.68 31.32 20.60
N LEU A 279 -15.18 31.18 19.38
CA LEU A 279 -13.95 31.84 18.98
C LEU A 279 -14.21 33.11 18.20
N ALA A 280 -15.49 33.46 17.98
CA ALA A 280 -15.82 34.67 17.22
C ALA A 280 -15.32 35.90 17.92
N ASP A 281 -15.32 35.92 19.26
CA ASP A 281 -14.81 37.05 20.02
C ASP A 281 -13.40 36.82 20.56
N THR A 282 -12.61 36.03 19.85
CA THR A 282 -11.18 35.88 20.05
C THR A 282 -10.50 36.30 18.75
N PRO A 283 -9.20 36.64 18.80
CA PRO A 283 -8.51 37.04 17.57
C PRO A 283 -8.17 35.87 16.66
N PHE A 284 -8.33 34.63 17.10
CA PHE A 284 -8.08 33.50 16.23
C PHE A 284 -9.12 33.46 15.11
N LYS A 285 -8.67 33.18 13.90
CA LYS A 285 -9.53 33.34 12.72
C LYS A 285 -9.78 32.01 12.03
N PRO A 286 -10.97 31.42 12.16
CA PRO A 286 -11.30 30.22 11.39
C PRO A 286 -11.29 30.51 9.90
N LEU A 287 -11.31 29.42 9.13
CA LEU A 287 -11.55 29.55 7.70
C LEU A 287 -12.97 30.08 7.47
N THR A 288 -13.18 30.70 6.32
CA THR A 288 -14.48 31.20 5.94
CA THR A 288 -14.49 31.19 5.98
C THR A 288 -15.25 30.12 5.21
N ILE A 289 -16.55 30.10 5.45
CA ILE A 289 -17.49 29.14 4.88
C ILE A 289 -17.81 29.57 3.45
N PRO A 290 -17.67 28.70 2.45
CA PRO A 290 -17.93 29.11 1.06
C PRO A 290 -19.35 29.59 0.81
N ALA A 291 -19.46 30.52 -0.14
CA ALA A 291 -20.75 31.08 -0.50
C ALA A 291 -21.60 30.15 -1.35
N TRP A 292 -21.00 29.20 -2.04
CA TRP A 292 -21.78 28.25 -2.84
C TRP A 292 -22.42 27.23 -1.91
N ASP A 293 -23.56 26.69 -2.36
CA ASP A 293 -24.32 25.76 -1.53
CA ASP A 293 -24.33 25.74 -1.56
C ASP A 293 -23.51 24.51 -1.26
N HIS A 294 -23.47 24.11 0.01
CA HIS A 294 -22.68 22.95 0.39
C HIS A 294 -23.14 22.43 1.75
N GLN A 295 -22.69 21.22 2.05
CA GLN A 295 -22.70 20.69 3.41
C GLN A 295 -21.26 20.34 3.75
N HIS A 296 -20.76 20.93 4.83
CA HIS A 296 -19.40 20.78 5.29
C HIS A 296 -19.26 19.48 6.07
N ALA A 297 -18.23 18.68 5.78
CA ALA A 297 -17.96 17.46 6.55
C ALA A 297 -17.21 17.71 7.86
N TRP A 298 -16.60 18.88 8.03
CA TRP A 298 -15.88 19.21 9.25
C TRP A 298 -14.85 18.13 9.58
N HIS A 299 -13.94 17.94 8.63
CA HIS A 299 -12.80 17.08 8.88
C HIS A 299 -11.78 17.74 9.81
N LEU A 300 -11.50 19.02 9.60
CA LEU A 300 -10.54 19.77 10.41
C LEU A 300 -11.17 21.09 10.83
N PHE A 301 -10.80 21.57 12.01
CA PHE A 301 -11.15 22.91 12.43
C PHE A 301 -9.86 23.70 12.50
N ILE A 302 -9.62 24.49 11.46
CA ILE A 302 -8.39 25.25 11.31
C ILE A 302 -8.58 26.68 11.80
N ILE A 303 -7.59 27.19 12.54
CA ILE A 303 -7.53 28.60 12.90
C ILE A 303 -6.25 29.22 12.40
N ARG A 304 -6.32 30.50 12.03
CA ARG A 304 -5.15 31.29 11.72
C ARG A 304 -4.75 32.07 12.96
N VAL A 305 -3.46 32.05 13.25
CA VAL A 305 -2.90 32.65 14.43
C VAL A 305 -1.93 33.71 13.94
N ASP A 306 -2.38 34.96 13.96
CA ASP A 306 -1.56 36.10 13.54
C ASP A 306 -0.99 36.78 14.79
N GLU A 307 0.33 36.79 14.88
CA GLU A 307 0.99 37.30 16.09
C GLU A 307 0.52 38.70 16.45
N ALA A 308 0.32 39.56 15.44
CA ALA A 308 -0.07 40.93 15.72
C ALA A 308 -1.48 41.01 16.29
N ALA A 309 -2.39 40.16 15.83
CA ALA A 309 -3.76 40.18 16.36
C ALA A 309 -3.88 39.37 17.63
N CYS A 310 -3.17 38.23 17.70
CA CYS A 310 -3.38 37.28 18.79
C CYS A 310 -2.43 37.47 19.97
N GLY A 311 -1.32 38.18 19.77
CA GLY A 311 -0.32 38.32 20.80
C GLY A 311 0.48 37.07 21.07
N ILE A 312 0.35 36.06 20.21
CA ILE A 312 1.04 34.79 20.30
C ILE A 312 1.18 34.27 18.88
N SER A 313 2.30 33.59 18.61
CA SER A 313 2.51 33.06 17.27
C SER A 313 1.94 31.65 17.16
N ARG A 314 1.81 31.19 15.92
CA ARG A 314 1.26 29.85 15.67
C ARG A 314 2.10 28.78 16.36
N ASP A 315 3.42 28.84 16.20
CA ASP A 315 4.28 27.79 16.78
C ASP A 315 4.18 27.80 18.30
N VAL A 316 4.20 29.00 18.88
CA VAL A 316 4.15 29.09 20.35
C VAL A 316 2.79 28.66 20.85
N LEU A 317 1.72 28.98 20.11
CA LEU A 317 0.41 28.48 20.49
C LEU A 317 0.38 26.96 20.50
N MET A 318 0.94 26.33 19.47
CA MET A 318 0.93 24.87 19.47
C MET A 318 1.73 24.31 20.65
N GLU A 319 2.87 24.92 20.96
CA GLU A 319 3.69 24.45 22.07
C GLU A 319 2.99 24.64 23.40
N LYS A 320 2.35 25.80 23.62
CA LYS A 320 1.72 26.02 24.92
C LYS A 320 0.47 25.15 25.09
N LEU A 321 -0.32 24.98 24.01
CA LEU A 321 -1.43 24.04 24.07
C LEU A 321 -0.96 22.65 24.46
N LYS A 322 0.12 22.19 23.83
CA LYS A 322 0.66 20.88 24.17
C LYS A 322 1.04 20.79 25.66
N ALA A 323 1.64 21.84 26.21
CA ALA A 323 1.96 21.86 27.64
C ALA A 323 0.71 21.83 28.50
N MET A 324 -0.42 22.29 27.97
CA MET A 324 -1.70 22.18 28.64
C MET A 324 -2.40 20.85 28.35
N GLY A 325 -1.75 19.93 27.66
CA GLY A 325 -2.35 18.64 27.38
C GLY A 325 -3.29 18.62 26.20
N ILE A 326 -3.13 19.57 25.28
CA ILE A 326 -4.03 19.73 24.13
C ILE A 326 -3.22 19.62 22.84
N GLY A 327 -3.54 18.61 22.01
CA GLY A 327 -2.84 18.43 20.77
C GLY A 327 -3.38 19.30 19.66
N THR A 328 -2.50 19.56 18.69
CA THR A 328 -2.84 20.29 17.49
C THR A 328 -2.08 19.68 16.32
N GLY A 329 -2.56 19.98 15.11
CA GLY A 329 -1.90 19.54 13.90
C GLY A 329 -1.60 20.70 12.97
N LEU A 330 -0.77 20.44 11.97
CA LEU A 330 -0.44 21.44 10.97
C LEU A 330 -0.80 20.84 9.60
N HIS A 331 -1.95 21.26 9.09
CA HIS A 331 -2.50 20.80 7.82
C HIS A 331 -2.69 22.04 6.95
N PHE A 332 -1.66 22.47 6.22
CA PHE A 332 -0.39 21.80 5.99
C PHE A 332 0.70 22.85 5.85
N ARG A 333 1.94 22.42 6.07
CA ARG A 333 3.09 23.19 5.60
C ARG A 333 3.12 23.12 4.08
N ALA A 334 2.93 24.28 3.45
CA ALA A 334 2.85 24.35 2.00
C ALA A 334 4.01 23.60 1.34
N ALA A 335 3.67 22.82 0.31
CA ALA A 335 4.66 21.99 -0.33
C ALA A 335 5.82 22.78 -0.87
N HIS A 336 5.57 23.96 -1.46
CA HIS A 336 6.65 24.68 -2.14
C HIS A 336 7.66 25.27 -1.17
N THR A 337 7.38 25.26 0.13
CA THR A 337 8.31 25.71 1.14
C THR A 337 9.18 24.58 1.68
N GLN A 338 8.98 23.36 1.22
CA GLN A 338 9.76 22.22 1.66
C GLN A 338 10.92 21.97 0.72
N LYS A 339 12.02 21.49 1.28
CA LYS A 339 13.33 21.51 0.64
C LYS A 339 13.27 21.12 -0.83
N TYR A 340 12.74 19.94 -1.14
CA TYR A 340 12.81 19.46 -2.52
C TYR A 340 12.16 20.46 -3.46
N TYR A 341 10.98 20.94 -3.09
CA TYR A 341 10.22 21.81 -3.98
C TYR A 341 10.76 23.23 -3.95
N ARG A 342 11.20 23.67 -2.77
CA ARG A 342 11.86 24.97 -2.61
C ARG A 342 13.07 25.08 -3.53
N GLU A 343 13.84 24.00 -3.68
CA GLU A 343 15.05 24.06 -4.47
C GLU A 343 14.80 23.80 -5.94
N ARG A 344 13.83 22.94 -6.27
CA ARG A 344 13.50 22.68 -7.66
C ARG A 344 12.71 23.83 -8.28
N PHE A 345 11.85 24.47 -7.49
CA PHE A 345 10.96 25.52 -7.98
C PHE A 345 11.15 26.81 -7.17
N PRO A 346 12.33 27.41 -7.24
CA PRO A 346 12.63 28.55 -6.36
C PRO A 346 11.90 29.83 -6.71
N GLU A 347 11.38 29.91 -7.94
CA GLU A 347 10.67 31.08 -8.45
C GLU A 347 9.21 31.12 -8.03
N VAL A 348 8.69 30.02 -7.47
CA VAL A 348 7.29 29.95 -7.09
C VAL A 348 7.07 30.86 -5.88
N SER A 349 6.14 31.80 -6.04
CA SER A 349 5.79 32.78 -5.00
C SER A 349 4.27 32.84 -4.90
N LEU A 350 3.73 32.40 -3.77
CA LEU A 350 2.30 32.15 -3.60
C LEU A 350 1.89 32.86 -2.31
N PRO A 351 1.50 34.14 -2.40
CA PRO A 351 1.39 34.92 -1.15
C PRO A 351 0.32 34.44 -0.18
N ASN A 352 -0.87 34.07 -0.66
CA ASN A 352 -1.92 33.63 0.25
C ASN A 352 -1.52 32.33 0.93
N THR A 353 -0.95 31.41 0.16
CA THR A 353 -0.45 30.16 0.70
C THR A 353 0.62 30.40 1.76
N GLU A 354 1.59 31.25 1.45
CA GLU A 354 2.69 31.47 2.37
C GLU A 354 2.21 32.13 3.65
N TRP A 355 1.30 33.09 3.52
CA TRP A 355 0.76 33.75 4.71
C TRP A 355 0.03 32.75 5.60
N ASN A 356 -0.84 31.92 5.02
CA ASN A 356 -1.60 30.95 5.82
C ASN A 356 -0.72 29.81 6.33
N SER A 357 0.17 29.28 5.49
CA SER A 357 0.98 28.13 5.92
C SER A 357 1.76 28.44 7.19
N ALA A 358 2.16 29.70 7.38
CA ALA A 358 2.91 30.13 8.56
C ALA A 358 2.02 30.38 9.76
N ARG A 359 0.71 30.40 9.60
CA ARG A 359 -0.19 30.83 10.66
C ARG A 359 -1.27 29.85 11.03
N ILE A 360 -1.42 28.72 10.31
CA ILE A 360 -2.55 27.83 10.55
C ILE A 360 -2.19 26.74 11.54
N CYS A 361 -3.20 26.30 12.29
CA CYS A 361 -3.12 25.01 12.94
C CYS A 361 -4.52 24.45 13.08
N SER A 362 -4.58 23.15 13.34
CA SER A 362 -5.83 22.40 13.47
C SER A 362 -6.01 22.07 14.94
N ILE A 363 -7.13 22.48 15.52
CA ILE A 363 -7.41 22.21 16.94
C ILE A 363 -8.27 20.96 17.04
N PRO A 364 -8.40 20.36 18.22
CA PRO A 364 -9.07 19.04 18.31
C PRO A 364 -10.47 19.03 17.71
N LEU A 365 -10.71 18.06 16.85
CA LEU A 365 -12.04 17.89 16.26
C LEU A 365 -12.18 16.41 15.88
N PHE A 366 -12.97 15.68 16.65
CA PHE A 366 -13.27 14.30 16.35
C PHE A 366 -14.51 13.92 17.14
N PRO A 367 -15.32 12.98 16.65
CA PRO A 367 -16.67 12.85 17.23
C PRO A 367 -16.70 12.23 18.60
N ASP A 368 -15.64 11.56 19.03
CA ASP A 368 -15.59 11.04 20.40
C ASP A 368 -15.22 12.12 21.42
N MET A 369 -14.93 13.35 20.98
CA MET A 369 -14.75 14.45 21.93
C MET A 369 -16.02 14.66 22.72
N THR A 370 -15.85 14.87 24.02
CA THR A 370 -16.96 15.25 24.88
C THR A 370 -17.15 16.76 24.87
N ASP A 371 -18.31 17.21 25.37
CA ASP A 371 -18.54 18.64 25.49
C ASP A 371 -17.48 19.29 26.36
N ASP A 372 -17.05 18.59 27.43
CA ASP A 372 -16.02 19.16 28.29
C ASP A 372 -14.66 19.21 27.59
N ASP A 373 -14.36 18.27 26.69
CA ASP A 373 -13.14 18.38 25.88
C ASP A 373 -13.17 19.67 25.07
N VAL A 374 -14.33 19.98 24.47
CA VAL A 374 -14.45 21.19 23.68
C VAL A 374 -14.29 22.42 24.56
N THR A 375 -14.92 22.42 25.74
CA THR A 375 -14.75 23.54 26.66
C THR A 375 -13.28 23.74 27.04
N ARG A 376 -12.55 22.64 27.21
CA ARG A 376 -11.13 22.72 27.57
C ARG A 376 -10.34 23.44 26.48
N VAL A 377 -10.63 23.10 25.22
CA VAL A 377 -9.93 23.74 24.11
C VAL A 377 -10.27 25.22 24.05
N ILE A 378 -11.55 25.54 24.12
CA ILE A 378 -11.97 26.93 24.02
C ILE A 378 -11.38 27.74 25.16
N THR A 379 -11.44 27.21 26.39
CA THR A 379 -10.89 27.92 27.54
C THR A 379 -9.39 28.19 27.35
N ALA A 380 -8.64 27.18 26.88
CA ALA A 380 -7.20 27.37 26.68
C ALA A 380 -6.95 28.45 25.63
N LEU A 381 -7.73 28.47 24.55
CA LEU A 381 -7.52 29.48 23.52
C LEU A 381 -7.83 30.88 24.06
N HIS A 382 -8.88 31.02 24.89
CA HIS A 382 -9.15 32.32 25.48
C HIS A 382 -8.03 32.73 26.42
N GLN A 383 -7.46 31.77 27.17
CA GLN A 383 -6.38 32.10 28.09
C GLN A 383 -5.13 32.53 27.35
N LEU A 384 -4.84 31.87 26.23
CA LEU A 384 -3.61 32.14 25.50
C LEU A 384 -3.71 33.35 24.57
N SER A 385 -4.90 33.88 24.32
CA SER A 385 -5.04 35.09 23.49
C SER A 385 -4.22 36.21 24.08
N ASP B 11 -17.36 -27.67 1.91
CA ASP B 11 -16.54 -28.87 1.79
C ASP B 11 -15.33 -28.65 0.88
N PHE B 12 -15.25 -27.47 0.26
CA PHE B 12 -14.13 -27.18 -0.62
C PHE B 12 -12.84 -27.09 0.18
N LEU B 13 -11.81 -27.76 -0.29
CA LEU B 13 -10.48 -27.68 0.30
C LEU B 13 -9.61 -26.77 -0.55
N PRO B 14 -9.39 -25.51 -0.16
CA PRO B 14 -8.57 -24.61 -0.99
C PRO B 14 -7.09 -24.97 -0.87
N PHE B 15 -6.26 -24.41 -1.77
CA PHE B 15 -4.84 -24.74 -1.67
C PHE B 15 -4.16 -24.02 -0.52
N SER B 16 -4.77 -22.96 0.02
CA SER B 16 -4.25 -22.27 1.18
C SER B 16 -5.40 -21.61 1.91
N ARG B 17 -5.26 -21.49 3.23
CA ARG B 17 -6.17 -20.73 4.07
C ARG B 17 -5.33 -20.21 5.23
N PRO B 18 -5.60 -19.00 5.73
CA PRO B 18 -4.84 -18.51 6.89
C PRO B 18 -5.29 -19.19 8.16
N SER B 19 -4.42 -19.12 9.19
CA SER B 19 -4.75 -19.64 10.51
C SER B 19 -4.98 -18.46 11.44
N MET B 20 -6.23 -18.01 11.51
CA MET B 20 -6.62 -16.84 12.27
C MET B 20 -7.62 -17.26 13.33
N GLY B 21 -7.42 -16.80 14.55
CA GLY B 21 -8.29 -17.18 15.65
C GLY B 21 -8.32 -16.13 16.72
N ASP B 22 -8.52 -16.58 17.96
CA ASP B 22 -8.70 -15.63 19.06
C ASP B 22 -7.45 -14.80 19.31
N ALA B 23 -6.25 -15.35 19.09
CA ALA B 23 -5.04 -14.57 19.34
C ALA B 23 -4.97 -13.36 18.43
N GLU B 24 -5.26 -13.56 17.15
CA GLU B 24 -5.31 -12.43 16.22
C GLU B 24 -6.40 -11.44 16.63
N LEU B 25 -7.57 -11.93 17.00
CA LEU B 25 -8.66 -11.03 17.37
C LEU B 25 -8.30 -10.21 18.61
N ALA B 26 -7.61 -10.84 19.56
CA ALA B 26 -7.18 -10.13 20.76
C ALA B 26 -6.14 -9.06 20.45
N ALA B 27 -5.24 -9.32 19.51
CA ALA B 27 -4.26 -8.31 19.11
C ALA B 27 -4.96 -7.12 18.45
N LEU B 28 -5.94 -7.41 17.60
CA LEU B 28 -6.70 -6.33 16.96
C LEU B 28 -7.45 -5.52 17.99
N ARG B 29 -8.05 -6.20 18.98
CA ARG B 29 -8.75 -5.50 20.05
C ARG B 29 -7.83 -4.50 20.74
N GLU B 30 -6.61 -4.95 21.05
CA GLU B 30 -5.65 -4.08 21.75
CA GLU B 30 -5.67 -4.08 21.75
C GLU B 30 -5.36 -2.83 20.94
N VAL B 31 -5.11 -3.00 19.63
CA VAL B 31 -4.79 -1.85 18.80
C VAL B 31 -5.99 -0.90 18.73
N LEU B 32 -7.18 -1.45 18.49
CA LEU B 32 -8.36 -0.60 18.40
C LEU B 32 -8.59 0.15 19.69
N GLN B 33 -8.42 -0.53 20.83
CA GLN B 33 -8.63 0.13 22.12
C GLN B 33 -7.62 1.24 22.36
N SER B 34 -6.40 1.10 21.82
CA SER B 34 -5.38 2.12 22.00
C SER B 34 -5.71 3.39 21.23
N GLY B 35 -6.48 3.27 20.16
CA GLY B 35 -6.72 4.40 19.30
C GLY B 35 -5.61 4.70 18.33
N TRP B 36 -4.49 4.00 18.41
CA TRP B 36 -3.35 4.24 17.52
C TRP B 36 -3.34 3.12 16.48
N ILE B 37 -3.97 3.37 15.34
CA ILE B 37 -4.27 2.26 14.43
C ILE B 37 -3.35 2.23 13.22
N THR B 38 -2.69 3.32 12.88
CA THR B 38 -1.71 3.17 11.79
C THR B 38 -0.31 3.12 12.40
N THR B 39 0.71 3.32 11.57
CA THR B 39 2.08 3.00 11.94
C THR B 39 2.46 3.57 13.29
N GLY B 40 2.95 2.71 14.17
CA GLY B 40 3.22 3.07 15.54
C GLY B 40 4.02 2.00 16.27
N PRO B 41 3.71 1.78 17.56
CA PRO B 41 4.52 0.83 18.35
C PRO B 41 4.45 -0.59 17.86
N LYS B 42 3.37 -1.02 17.21
CA LYS B 42 3.34 -2.41 16.73
C LYS B 42 4.29 -2.61 15.57
N ASN B 43 4.39 -1.62 14.68
CA ASN B 43 5.42 -1.62 13.64
C ASN B 43 6.81 -1.74 14.25
N GLN B 44 7.10 -0.90 15.26
CA GLN B 44 8.41 -0.94 15.88
C GLN B 44 8.71 -2.33 16.44
N ALA B 45 7.72 -2.93 17.12
CA ALA B 45 7.89 -4.26 17.68
C ALA B 45 8.08 -5.32 16.60
N LEU B 46 7.31 -5.22 15.51
CA LEU B 46 7.48 -6.17 14.42
C LEU B 46 8.88 -6.07 13.82
N GLU B 47 9.37 -4.86 13.63
CA GLU B 47 10.71 -4.67 13.09
C GLU B 47 11.76 -5.25 14.02
N GLU B 48 11.65 -4.96 15.31
CA GLU B 48 12.58 -5.53 16.27
C GLU B 48 12.52 -7.04 16.26
N ALA B 49 11.31 -7.60 16.16
CA ALA B 49 11.16 -9.04 16.15
C ALA B 49 11.83 -9.66 14.93
N PHE B 50 11.77 -8.98 13.77
CA PHE B 50 12.46 -9.52 12.60
C PHE B 50 13.96 -9.37 12.68
N CYS B 51 14.48 -8.33 13.35
CA CYS B 51 15.90 -8.28 13.62
C CYS B 51 16.32 -9.42 14.54
N GLN B 52 15.49 -9.76 15.53
CA GLN B 52 15.85 -10.90 16.38
C GLN B 52 15.75 -12.21 15.62
N LEU B 53 14.76 -12.34 14.73
CA LEU B 53 14.56 -13.57 13.97
C LEU B 53 15.71 -13.82 13.01
N THR B 54 16.10 -12.78 12.28
CA THR B 54 17.12 -12.93 11.24
C THR B 54 18.54 -12.75 11.74
N GLY B 55 18.75 -11.91 12.75
CA GLY B 55 20.08 -11.50 13.14
C GLY B 55 20.56 -10.26 12.41
N ASN B 56 19.81 -9.76 11.45
CA ASN B 56 20.27 -8.63 10.67
C ASN B 56 19.96 -7.34 11.45
N ARG B 57 20.46 -6.23 10.95
CA ARG B 57 20.52 -5.01 11.75
C ARG B 57 19.26 -4.17 11.63
N HIS B 58 18.80 -3.94 10.41
CA HIS B 58 17.66 -3.06 10.13
C HIS B 58 16.49 -3.85 9.58
N ALA B 59 15.29 -3.51 10.05
CA ALA B 59 14.05 -4.08 9.54
C ALA B 59 13.10 -2.94 9.28
N ILE B 60 12.46 -2.95 8.11
CA ILE B 60 11.56 -1.88 7.70
C ILE B 60 10.26 -2.52 7.24
N ALA B 61 9.20 -2.37 8.02
CA ALA B 61 7.89 -2.89 7.65
C ALA B 61 7.26 -2.04 6.57
N VAL B 62 6.59 -2.69 5.62
CA VAL B 62 5.99 -2.02 4.47
C VAL B 62 4.61 -2.64 4.18
N SER B 63 3.87 -1.96 3.30
CA SER B 63 2.49 -2.34 3.03
C SER B 63 2.36 -3.59 2.17
N SER B 64 3.42 -4.00 1.47
CA SER B 64 3.44 -5.23 0.66
C SER B 64 4.91 -5.51 0.32
N ALA B 65 5.20 -6.77 0.00
CA ALA B 65 6.54 -7.05 -0.51
C ALA B 65 6.79 -6.37 -1.84
N THR B 66 5.74 -6.22 -2.65
CA THR B 66 5.90 -5.50 -3.92
C THR B 66 6.37 -4.07 -3.68
N GLY B 67 5.70 -3.37 -2.78
CA GLY B 67 6.13 -2.02 -2.44
C GLY B 67 7.52 -2.01 -1.84
N GLY B 68 7.84 -3.02 -1.03
CA GLY B 68 9.19 -3.12 -0.51
C GLY B 68 10.24 -3.25 -1.60
N MET B 69 9.95 -4.05 -2.63
CA MET B 69 10.86 -4.15 -3.75
C MET B 69 10.98 -2.82 -4.48
N HIS B 70 9.85 -2.16 -4.69
CA HIS B 70 9.83 -0.86 -5.34
C HIS B 70 10.78 0.11 -4.65
N VAL B 71 10.62 0.27 -3.34
CA VAL B 71 11.41 1.30 -2.64
C VAL B 71 12.86 0.85 -2.44
N THR B 72 13.10 -0.47 -2.32
CA THR B 72 14.49 -0.93 -2.17
C THR B 72 15.29 -0.65 -3.44
N LEU B 73 14.74 -1.02 -4.60
CA LEU B 73 15.41 -0.70 -5.87
C LEU B 73 15.54 0.82 -6.06
N MET B 74 14.50 1.56 -5.70
CA MET B 74 14.57 3.01 -5.83
C MET B 74 15.66 3.59 -4.96
N ALA B 75 15.76 3.12 -3.72
CA ALA B 75 16.78 3.61 -2.78
C ALA B 75 18.19 3.29 -3.24
N MET B 76 18.36 2.21 -4.00
CA MET B 76 19.67 1.88 -4.59
C MET B 76 20.01 2.74 -5.79
N GLY B 77 19.10 3.56 -6.28
CA GLY B 77 19.36 4.37 -7.44
C GLY B 77 19.06 3.70 -8.77
N ILE B 78 18.33 2.59 -8.77
CA ILE B 78 18.02 1.84 -9.99
C ILE B 78 17.09 2.66 -10.86
N GLY B 79 17.43 2.80 -12.14
CA GLY B 79 16.62 3.55 -13.07
C GLY B 79 17.04 3.36 -14.50
N PRO B 80 16.65 4.30 -15.36
CA PRO B 80 16.98 4.19 -16.78
C PRO B 80 18.46 3.92 -17.03
N GLY B 81 18.71 2.96 -17.91
CA GLY B 81 20.06 2.56 -18.25
C GLY B 81 20.60 1.41 -17.43
N ASP B 82 19.90 1.00 -16.38
CA ASP B 82 20.38 -0.02 -15.46
C ASP B 82 19.74 -1.36 -15.78
N GLU B 83 20.52 -2.43 -15.70
CA GLU B 83 20.00 -3.78 -15.83
C GLU B 83 19.86 -4.45 -14.46
N VAL B 84 18.81 -5.24 -14.30
CA VAL B 84 18.56 -6.00 -13.08
C VAL B 84 18.37 -7.46 -13.48
N ILE B 85 19.21 -8.34 -12.97
CA ILE B 85 19.12 -9.76 -13.27
C ILE B 85 18.06 -10.39 -12.36
N THR B 86 17.14 -11.13 -12.97
CA THR B 86 16.03 -11.75 -12.23
C THR B 86 15.61 -12.99 -12.98
N PRO B 87 15.12 -14.03 -12.30
CA PRO B 87 14.39 -15.06 -13.03
C PRO B 87 13.14 -14.47 -13.67
N SER B 88 12.70 -15.15 -14.73
CA SER B 88 11.32 -15.03 -15.20
C SER B 88 10.39 -15.86 -14.34
N GLN B 89 10.91 -16.94 -13.75
CA GLN B 89 10.15 -17.88 -12.93
C GLN B 89 10.01 -17.29 -11.52
N THR B 90 9.05 -16.37 -11.41
CA THR B 90 8.76 -15.67 -10.17
C THR B 90 7.44 -14.93 -10.37
N TRP B 91 7.01 -14.22 -9.32
CA TRP B 91 5.84 -13.38 -9.44
C TRP B 91 6.17 -12.11 -10.23
N VAL B 92 5.19 -11.60 -10.99
CA VAL B 92 5.43 -10.49 -11.91
C VAL B 92 5.75 -9.19 -11.21
N SER B 93 5.47 -9.08 -9.90
CA SER B 93 5.74 -7.83 -9.18
C SER B 93 7.18 -7.36 -9.36
N THR B 94 8.15 -8.26 -9.24
CA THR B 94 9.54 -7.82 -9.33
C THR B 94 9.86 -7.27 -10.71
N LEU B 95 9.43 -7.97 -11.76
CA LEU B 95 9.67 -7.48 -13.12
C LEU B 95 9.00 -6.12 -13.31
N ASN B 96 7.76 -6.01 -12.83
CA ASN B 96 7.02 -4.75 -12.97
C ASN B 96 7.75 -3.61 -12.31
N MET B 97 8.29 -3.84 -11.09
CA MET B 97 8.92 -2.74 -10.37
C MET B 97 10.20 -2.31 -11.06
N ILE B 98 10.96 -3.25 -11.59
CA ILE B 98 12.13 -2.89 -12.38
C ILE B 98 11.73 -1.96 -13.52
N CYS B 99 10.73 -2.38 -14.29
CA CYS B 99 10.31 -1.61 -15.45
C CYS B 99 9.76 -0.25 -15.04
N LEU B 100 8.96 -0.20 -13.96
CA LEU B 100 8.32 1.05 -13.60
C LEU B 100 9.27 2.04 -12.97
N LEU B 101 10.50 1.62 -12.65
CA LEU B 101 11.57 2.54 -12.30
C LEU B 101 12.34 2.98 -13.53
N GLY B 102 12.00 2.43 -14.70
CA GLY B 102 12.66 2.73 -15.94
C GLY B 102 13.86 1.86 -16.22
N ALA B 103 14.15 0.88 -15.36
CA ALA B 103 15.27 -0.01 -15.53
C ALA B 103 14.86 -1.18 -16.44
N THR B 104 15.84 -2.01 -16.76
CA THR B 104 15.67 -3.08 -17.73
C THR B 104 15.84 -4.43 -17.05
N PRO B 105 14.82 -5.27 -17.01
CA PRO B 105 14.99 -6.62 -16.46
C PRO B 105 15.76 -7.50 -17.43
N VAL B 106 16.69 -8.29 -16.89
CA VAL B 106 17.47 -9.25 -17.65
C VAL B 106 17.07 -10.62 -17.09
N MET B 107 16.18 -11.29 -17.81
CA MET B 107 15.57 -12.52 -17.33
C MET B 107 16.49 -13.70 -17.66
N ILE B 108 16.79 -14.49 -16.62
CA ILE B 108 17.60 -15.69 -16.75
C ILE B 108 16.80 -16.92 -16.34
N ASP B 109 17.30 -18.08 -16.77
CA ASP B 109 16.67 -19.36 -16.52
C ASP B 109 16.91 -19.79 -15.06
N VAL B 110 16.23 -20.86 -14.65
CA VAL B 110 16.33 -21.41 -13.31
C VAL B 110 16.72 -22.88 -13.42
N ASP B 111 17.21 -23.43 -12.31
CA ASP B 111 17.42 -24.87 -12.24
C ASP B 111 16.11 -25.60 -12.52
N HIS B 112 16.17 -26.66 -13.35
CA HIS B 112 14.95 -27.35 -13.78
C HIS B 112 14.22 -28.09 -12.67
N ASP B 113 14.88 -28.37 -11.54
CA ASP B 113 14.24 -29.18 -10.50
C ASP B 113 13.96 -28.43 -9.21
N ASN B 114 14.62 -27.29 -8.91
CA ASN B 114 14.20 -26.50 -7.75
C ASN B 114 13.73 -25.09 -8.10
N LEU B 115 13.72 -24.71 -9.38
CA LEU B 115 13.16 -23.46 -9.88
C LEU B 115 13.88 -22.22 -9.36
N MET B 116 15.12 -22.33 -8.93
CA MET B 116 15.90 -21.18 -8.47
C MET B 116 17.10 -20.91 -9.36
N ILE B 117 17.51 -19.64 -9.38
CA ILE B 117 18.63 -19.26 -10.24
C ILE B 117 19.94 -19.78 -9.66
N THR B 118 20.88 -20.09 -10.56
CA THR B 118 22.19 -20.58 -10.19
C THR B 118 23.24 -19.48 -10.32
N PRO B 119 24.35 -19.61 -9.60
CA PRO B 119 25.42 -18.61 -9.74
C PRO B 119 25.97 -18.56 -11.16
N GLU B 120 26.05 -19.69 -11.85
CA GLU B 120 26.56 -19.67 -13.21
C GLU B 120 25.67 -18.86 -14.15
N ALA B 121 24.36 -19.00 -13.99
CA ALA B 121 23.44 -18.25 -14.84
C ALA B 121 23.51 -16.76 -14.56
N VAL B 122 23.66 -16.40 -13.28
CA VAL B 122 23.87 -15.00 -12.92
C VAL B 122 25.13 -14.46 -13.57
N GLU B 123 26.25 -15.17 -13.40
CA GLU B 123 27.52 -14.69 -13.93
C GLU B 123 27.44 -14.48 -15.44
N ALA B 124 26.78 -15.40 -16.14
CA ALA B 124 26.71 -15.32 -17.59
C ALA B 124 25.93 -14.11 -18.06
N ALA B 125 25.01 -13.60 -17.24
CA ALA B 125 24.13 -12.50 -17.62
C ALA B 125 24.66 -11.13 -17.21
N ILE B 126 25.75 -11.08 -16.45
CA ILE B 126 26.29 -9.81 -16.00
C ILE B 126 26.84 -9.01 -17.17
N THR B 127 26.58 -7.71 -17.16
CA THR B 127 27.16 -6.75 -18.09
C THR B 127 27.63 -5.54 -17.30
N SER B 128 28.27 -4.60 -18.00
CA SER B 128 28.65 -3.35 -17.38
C SER B 128 27.45 -2.54 -16.91
N ARG B 129 26.24 -2.89 -17.33
CA ARG B 129 25.04 -2.15 -16.92
C ARG B 129 24.32 -2.78 -15.74
N THR B 130 24.76 -3.96 -15.28
CA THR B 130 24.04 -4.65 -14.20
C THR B 130 24.21 -3.90 -12.89
N LYS B 131 23.10 -3.61 -12.23
N LYS B 131 23.09 -3.60 -12.24
CA LYS B 131 23.12 -2.89 -10.96
CA LYS B 131 23.11 -2.89 -10.97
C LYS B 131 22.47 -3.65 -9.81
C LYS B 131 22.48 -3.66 -9.81
N ALA B 132 21.85 -4.80 -10.08
CA ALA B 132 21.32 -5.64 -9.01
C ALA B 132 21.04 -7.02 -9.56
N ILE B 133 21.06 -7.98 -8.63
CA ILE B 133 20.72 -9.37 -8.84
C ILE B 133 19.65 -9.74 -7.83
N ILE B 134 18.54 -10.34 -8.29
CA ILE B 134 17.43 -10.64 -7.40
C ILE B 134 17.09 -12.13 -7.42
N PRO B 135 17.76 -12.94 -6.60
CA PRO B 135 17.39 -14.34 -6.49
C PRO B 135 16.09 -14.51 -5.73
N VAL B 136 15.36 -15.55 -6.07
CA VAL B 136 14.12 -15.93 -5.39
C VAL B 136 14.38 -17.21 -4.61
N HIS B 137 14.03 -17.19 -3.34
CA HIS B 137 13.99 -18.38 -2.51
C HIS B 137 12.64 -19.03 -2.74
N TYR B 138 12.59 -20.16 -3.42
CA TYR B 138 11.35 -20.63 -4.04
C TYR B 138 10.72 -21.74 -3.23
N ALA B 139 9.44 -21.55 -2.90
CA ALA B 139 8.54 -22.51 -2.28
C ALA B 139 8.86 -22.79 -0.84
N GLY B 140 9.84 -22.10 -0.26
CA GLY B 140 10.27 -22.31 1.12
C GLY B 140 11.68 -22.81 1.24
N ALA B 141 12.30 -23.21 0.11
CA ALA B 141 13.72 -23.56 0.12
C ALA B 141 14.57 -22.34 -0.21
N PRO B 142 15.79 -22.28 0.32
CA PRO B 142 16.67 -21.16 -0.04
C PRO B 142 17.46 -21.47 -1.29
N ALA B 143 17.68 -20.42 -2.08
CA ALA B 143 18.66 -20.46 -3.16
C ALA B 143 20.06 -20.59 -2.56
N ASP B 144 21.04 -20.91 -3.40
CA ASP B 144 22.41 -21.08 -2.90
C ASP B 144 23.02 -19.68 -2.76
N ILE B 145 22.59 -19.00 -1.69
CA ILE B 145 22.78 -17.56 -1.63
C ILE B 145 24.25 -17.19 -1.44
N ASP B 146 25.05 -18.01 -0.75
CA ASP B 146 26.47 -17.67 -0.62
C ASP B 146 27.17 -17.65 -1.97
N ALA B 147 26.83 -18.60 -2.86
CA ALA B 147 27.44 -18.65 -4.18
C ALA B 147 26.97 -17.49 -5.06
N ILE B 148 25.67 -17.15 -4.99
CA ILE B 148 25.18 -16.00 -5.74
C ILE B 148 25.78 -14.70 -5.20
N ARG B 149 25.84 -14.55 -3.87
CA ARG B 149 26.49 -13.38 -3.28
C ARG B 149 27.95 -13.27 -3.72
N ALA B 150 28.67 -14.40 -3.79
CA ALA B 150 30.07 -14.37 -4.21
C ALA B 150 30.22 -13.82 -5.62
N VAL B 151 29.31 -14.20 -6.53
CA VAL B 151 29.32 -13.63 -7.89
C VAL B 151 29.09 -12.13 -7.82
N GLY B 152 28.09 -11.71 -7.07
CA GLY B 152 27.84 -10.28 -6.93
C GLY B 152 29.03 -9.53 -6.38
N GLU B 153 29.64 -10.06 -5.31
CA GLU B 153 30.79 -9.40 -4.70
C GLU B 153 31.96 -9.25 -5.68
N ARG B 154 32.23 -10.30 -6.47
CA ARG B 154 33.34 -10.26 -7.42
C ARG B 154 33.17 -9.15 -8.43
N HIS B 155 31.91 -8.80 -8.75
CA HIS B 155 31.60 -7.81 -9.77
C HIS B 155 31.15 -6.48 -9.19
N GLY B 156 31.01 -6.38 -7.87
CA GLY B 156 30.53 -5.17 -7.22
C GLY B 156 29.05 -4.91 -7.43
N ILE B 157 28.23 -5.96 -7.47
CA ILE B 157 26.80 -5.84 -7.78
C ILE B 157 26.01 -6.30 -6.56
N PRO B 158 25.11 -5.47 -6.02
CA PRO B 158 24.31 -5.88 -4.86
C PRO B 158 23.36 -7.01 -5.20
N VAL B 159 23.09 -7.83 -4.20
CA VAL B 159 22.15 -8.95 -4.30
C VAL B 159 20.99 -8.62 -3.37
N ILE B 160 19.78 -8.49 -3.94
CA ILE B 160 18.55 -8.26 -3.18
C ILE B 160 17.73 -9.53 -3.23
N GLU B 161 17.43 -10.11 -2.06
CA GLU B 161 16.78 -11.41 -2.03
C GLU B 161 15.26 -11.29 -1.93
N ASP B 162 14.54 -11.99 -2.83
CA ASP B 162 13.11 -12.11 -2.75
C ASP B 162 12.82 -13.28 -1.82
N ALA B 163 12.49 -12.97 -0.57
CA ALA B 163 12.25 -13.94 0.48
C ALA B 163 10.76 -14.08 0.79
N ALA B 164 9.90 -13.75 -0.18
CA ALA B 164 8.47 -13.88 0.05
C ALA B 164 8.10 -15.27 0.57
N HIS B 165 8.71 -16.31 0.02
CA HIS B 165 8.37 -17.68 0.38
C HIS B 165 9.13 -18.21 1.58
N ALA B 166 9.94 -17.38 2.24
CA ALA B 166 11.04 -17.89 3.06
C ALA B 166 11.03 -17.38 4.49
N ALA B 167 9.89 -16.96 4.98
CA ALA B 167 9.74 -16.74 6.41
C ALA B 167 9.83 -18.10 7.11
N GLY B 168 10.85 -18.27 7.93
CA GLY B 168 11.15 -19.53 8.58
C GLY B 168 12.15 -20.38 7.85
N THR B 169 12.63 -19.94 6.69
CA THR B 169 13.63 -20.69 5.95
C THR B 169 15.00 -20.45 6.56
N HIS B 170 15.79 -21.53 6.75
CA HIS B 170 17.16 -21.41 7.20
C HIS B 170 18.09 -21.84 6.07
N TYR B 171 19.29 -21.25 6.05
CA TYR B 171 20.34 -21.60 5.11
C TYR B 171 21.63 -21.70 5.89
N LYS B 172 22.28 -22.86 5.84
CA LYS B 172 23.51 -23.11 6.60
C LYS B 172 23.38 -22.65 8.04
N GLY B 173 22.23 -22.92 8.66
CA GLY B 173 22.06 -22.71 10.09
C GLY B 173 21.62 -21.32 10.51
N ARG B 174 21.41 -20.41 9.57
CA ARG B 174 20.89 -19.08 9.86
C ARG B 174 19.61 -18.83 9.10
N HIS B 175 18.79 -17.95 9.63
CA HIS B 175 17.59 -17.57 8.92
C HIS B 175 17.97 -16.77 7.68
N VAL B 176 17.24 -17.00 6.59
N VAL B 176 17.23 -17.00 6.60
CA VAL B 176 17.48 -16.21 5.39
CA VAL B 176 17.37 -16.19 5.39
C VAL B 176 17.37 -14.73 5.73
C VAL B 176 17.36 -14.71 5.76
N GLY B 177 18.24 -13.93 5.12
CA GLY B 177 18.33 -12.51 5.44
C GLY B 177 19.19 -12.17 6.63
N TRP B 178 19.95 -13.13 7.16
CA TRP B 178 20.78 -12.84 8.33
C TRP B 178 21.81 -11.79 8.02
N ARG B 179 22.27 -11.72 6.77
CA ARG B 179 23.12 -10.65 6.26
C ARG B 179 22.56 -10.24 4.91
N GLY B 180 23.09 -9.15 4.35
CA GLY B 180 22.62 -8.73 3.04
C GLY B 180 21.28 -8.03 3.18
N THR B 181 20.48 -8.15 2.11
CA THR B 181 19.18 -7.49 2.01
C THR B 181 18.15 -8.49 1.48
N ALA B 182 17.03 -8.59 2.18
CA ALA B 182 16.00 -9.54 1.82
C ALA B 182 14.62 -8.94 2.12
N ILE B 183 13.64 -9.36 1.34
CA ILE B 183 12.29 -8.83 1.42
C ILE B 183 11.31 -9.96 1.65
N PHE B 184 10.55 -9.85 2.74
CA PHE B 184 9.53 -10.81 3.14
C PHE B 184 8.14 -10.30 2.77
N SER B 185 7.22 -11.24 2.54
CA SER B 185 5.81 -10.94 2.27
C SER B 185 4.92 -11.51 3.37
N PHE B 186 3.90 -10.75 3.73
CA PHE B 186 2.85 -11.17 4.66
C PHE B 186 1.47 -11.25 3.99
N HIS B 187 1.44 -11.44 2.68
CA HIS B 187 0.19 -11.65 1.96
C HIS B 187 -0.56 -12.87 2.53
N ALA B 188 -1.86 -12.92 2.26
CA ALA B 188 -2.76 -13.93 2.84
C ALA B 188 -2.32 -15.38 2.68
N ILE B 189 -1.61 -15.76 1.62
CA ILE B 189 -1.19 -17.16 1.46
C ILE B 189 0.19 -17.42 1.99
N LYS B 190 0.88 -16.42 2.51
CA LYS B 190 2.23 -16.61 3.01
CA LYS B 190 2.23 -16.65 2.99
C LYS B 190 2.20 -17.28 4.38
N ASN B 191 3.34 -17.82 4.78
CA ASN B 191 3.35 -18.64 5.99
C ASN B 191 3.04 -17.87 7.27
N MET B 192 3.25 -16.54 7.28
CA MET B 192 2.70 -15.65 8.29
C MET B 192 2.09 -14.49 7.54
N THR B 193 0.88 -14.11 7.93
CA THR B 193 0.14 -13.12 7.16
C THR B 193 -0.50 -12.05 8.04
N CYS B 194 -0.59 -10.84 7.47
CA CYS B 194 -1.46 -9.79 8.00
C CYS B 194 -2.36 -9.28 6.88
N ALA B 195 -2.73 -10.20 5.99
CA ALA B 195 -3.58 -9.99 4.80
C ALA B 195 -2.78 -9.36 3.68
N GLU B 196 -2.21 -8.18 3.91
CA GLU B 196 -1.22 -7.59 3.01
C GLU B 196 -0.16 -6.91 3.87
N GLY B 197 1.08 -7.08 3.49
CA GLY B 197 2.18 -6.50 4.24
C GLY B 197 3.48 -7.11 3.78
N GLY B 198 4.56 -6.49 4.20
CA GLY B 198 5.87 -7.05 3.91
C GLY B 198 6.89 -6.41 4.82
N LEU B 199 8.15 -6.81 4.63
CA LEU B 199 9.19 -6.32 5.52
C LEU B 199 10.53 -6.52 4.83
N ILE B 200 11.37 -5.48 4.89
CA ILE B 200 12.72 -5.48 4.35
C ILE B 200 13.70 -5.58 5.51
N VAL B 201 14.67 -6.51 5.42
CA VAL B 201 15.82 -6.52 6.31
C VAL B 201 17.06 -6.14 5.51
N THR B 202 17.96 -5.41 6.17
CA THR B 202 19.20 -5.05 5.52
C THR B 202 20.27 -4.78 6.55
N ASP B 203 21.52 -4.99 6.14
CA ASP B 203 22.67 -4.66 6.95
C ASP B 203 23.33 -3.36 6.52
N ASP B 204 22.70 -2.63 5.61
CA ASP B 204 23.26 -1.42 5.02
C ASP B 204 22.56 -0.22 5.64
N ASP B 205 23.28 0.54 6.48
CA ASP B 205 22.68 1.66 7.22
C ASP B 205 22.11 2.70 6.27
N GLU B 206 22.87 3.06 5.25
CA GLU B 206 22.42 4.10 4.33
C GLU B 206 21.21 3.65 3.53
N LEU B 207 21.22 2.42 3.04
CA LEU B 207 20.06 1.90 2.34
C LEU B 207 18.84 1.92 3.23
N ALA B 208 18.99 1.49 4.49
CA ALA B 208 17.86 1.49 5.41
C ALA B 208 17.30 2.90 5.61
N SER B 209 18.17 3.87 5.80
CA SER B 209 17.72 5.25 5.97
C SER B 209 16.94 5.73 4.76
N ARG B 210 17.43 5.42 3.56
CA ARG B 210 16.73 5.85 2.35
C ARG B 210 15.38 5.16 2.23
N ILE B 211 15.34 3.85 2.47
CA ILE B 211 14.10 3.10 2.37
C ILE B 211 13.06 3.67 3.31
N ARG B 212 13.45 3.96 4.55
CA ARG B 212 12.47 4.45 5.52
C ARG B 212 11.85 5.75 5.06
N SER B 213 12.64 6.61 4.43
CA SER B 213 12.11 7.86 3.92
C SER B 213 11.23 7.63 2.69
N LEU B 214 11.69 6.77 1.79
CA LEU B 214 10.98 6.63 0.51
C LEU B 214 9.68 5.85 0.62
N LYS B 215 9.46 5.07 1.67
CA LYS B 215 8.18 4.42 1.87
C LYS B 215 7.21 5.31 2.61
N PHE B 216 7.65 6.52 3.01
CA PHE B 216 6.75 7.46 3.67
C PHE B 216 7.05 8.88 3.17
N HIS B 217 6.76 9.07 1.89
CA HIS B 217 6.62 10.36 1.22
C HIS B 217 7.94 11.09 0.99
N GLY B 218 9.07 10.43 1.20
CA GLY B 218 10.34 11.12 1.04
C GLY B 218 10.64 12.09 2.16
N LEU B 219 9.91 11.98 3.27
CA LEU B 219 10.14 12.89 4.37
C LEU B 219 11.44 12.56 5.10
N GLY B 220 12.13 13.60 5.53
CA GLY B 220 13.38 13.46 6.23
C GLY B 220 13.78 14.79 6.83
N VAL B 221 14.88 14.78 7.58
CA VAL B 221 15.39 15.96 8.25
C VAL B 221 16.56 16.51 7.45
N ASP B 222 16.51 17.80 7.11
CA ASP B 222 17.62 18.45 6.43
C ASP B 222 18.64 18.96 7.43
N PRO B 233 15.91 20.43 12.56
CA PRO B 233 14.63 20.98 12.10
C PRO B 233 13.53 19.93 11.88
N GLN B 234 12.33 20.41 11.57
CA GLN B 234 11.20 19.54 11.33
C GLN B 234 11.38 18.77 10.01
N ALA B 235 10.70 17.63 9.94
CA ALA B 235 10.72 16.81 8.72
C ALA B 235 10.05 17.53 7.56
N GLU B 236 10.54 17.25 6.36
CA GLU B 236 10.04 17.86 5.13
C GLU B 236 10.43 16.94 3.98
N VAL B 237 9.83 17.16 2.81
CA VAL B 237 10.19 16.32 1.66
C VAL B 237 11.61 16.65 1.22
N ILE B 238 12.49 15.65 1.32
CA ILE B 238 13.86 15.78 0.82
C ILE B 238 13.94 15.43 -0.67
N THR B 239 13.22 14.39 -1.07
CA THR B 239 13.03 13.98 -2.45
C THR B 239 11.70 13.25 -2.48
N PRO B 240 10.94 13.30 -3.58
CA PRO B 240 9.64 12.60 -3.59
C PRO B 240 9.76 11.13 -3.25
N GLY B 241 8.84 10.65 -2.41
CA GLY B 241 8.71 9.25 -2.10
C GLY B 241 7.27 8.76 -2.21
N PHE B 242 7.11 7.47 -1.95
CA PHE B 242 5.83 6.77 -2.09
C PHE B 242 5.21 6.58 -0.70
N LYS B 243 4.02 6.00 -0.67
CA LYS B 243 3.33 5.66 0.57
C LYS B 243 3.18 4.14 0.61
N TYR B 244 4.06 3.51 1.40
CA TYR B 244 4.06 2.06 1.57
C TYR B 244 4.23 1.69 3.05
N ASN B 245 3.72 2.52 3.97
CA ASN B 245 3.84 2.18 5.37
C ASN B 245 2.78 1.16 5.75
N LEU B 246 3.07 0.39 6.77
CA LEU B 246 2.20 -0.66 7.27
C LEU B 246 1.44 -0.16 8.50
N ALA B 247 0.12 -0.34 8.51
CA ALA B 247 -0.68 0.06 9.67
C ALA B 247 -0.37 -0.80 10.89
N ASP B 248 -0.59 -0.26 12.09
CA ASP B 248 -0.39 -1.07 13.30
C ASP B 248 -1.44 -2.17 13.42
N ILE B 249 -2.65 -1.97 12.87
CA ILE B 249 -3.62 -3.05 12.82
CA ILE B 249 -3.60 -3.08 12.88
C ILE B 249 -2.99 -4.28 12.17
N ASN B 250 -2.35 -4.06 11.03
CA ASN B 250 -1.73 -5.17 10.32
C ASN B 250 -0.47 -5.65 11.02
N ALA B 251 0.36 -4.74 11.51
CA ALA B 251 1.57 -5.15 12.21
C ALA B 251 1.24 -6.05 13.40
N ALA B 252 0.17 -5.73 14.15
CA ALA B 252 -0.24 -6.54 15.29
C ALA B 252 -0.63 -7.96 14.86
N LEU B 253 -1.32 -8.10 13.72
CA LEU B 253 -1.58 -9.42 13.16
C LEU B 253 -0.30 -10.14 12.80
N ALA B 254 0.65 -9.44 12.16
CA ALA B 254 1.92 -10.04 11.78
C ALA B 254 2.68 -10.55 13.01
N LEU B 255 2.60 -9.81 14.13
CA LEU B 255 3.31 -10.24 15.33
C LEU B 255 2.74 -11.56 15.85
N VAL B 256 1.41 -11.68 15.88
CA VAL B 256 0.79 -12.94 16.32
C VAL B 256 1.19 -14.06 15.38
N GLN B 257 1.18 -13.79 14.08
CA GLN B 257 1.51 -14.83 13.10
C GLN B 257 2.99 -15.22 13.15
N LEU B 258 3.88 -14.28 13.50
CA LEU B 258 5.27 -14.62 13.71
C LEU B 258 5.45 -15.51 14.94
N ASP B 259 4.69 -15.23 16.00
CA ASP B 259 4.77 -16.07 17.18
C ASP B 259 4.31 -17.49 16.88
N LYS B 260 3.41 -17.65 15.91
CA LYS B 260 2.90 -18.94 15.46
C LYS B 260 3.75 -19.60 14.38
N LEU B 261 4.75 -18.89 13.83
CA LEU B 261 5.39 -19.34 12.59
C LEU B 261 6.12 -20.68 12.78
N ALA B 262 6.81 -20.86 13.88
CA ALA B 262 7.56 -22.10 14.03
C ALA B 262 6.63 -23.30 14.05
N GLN B 263 5.54 -23.20 14.80
CA GLN B 263 4.59 -24.31 14.85
C GLN B 263 3.88 -24.46 13.50
N ALA B 264 3.58 -23.35 12.83
CA ALA B 264 2.91 -23.43 11.53
C ALA B 264 3.81 -24.13 10.52
N ASN B 265 5.08 -23.76 10.50
CA ASN B 265 6.03 -24.38 9.58
C ASN B 265 6.29 -25.84 9.91
N GLN B 266 6.31 -26.20 11.21
CA GLN B 266 6.46 -27.62 11.57
C GLN B 266 5.33 -28.45 11.00
N ARG B 267 4.10 -27.94 11.09
CA ARG B 267 2.95 -28.66 10.57
C ARG B 267 3.02 -28.73 9.06
N ARG B 268 3.39 -27.63 8.41
CA ARG B 268 3.59 -27.64 6.96
C ARG B 268 4.63 -28.69 6.56
N ALA B 269 5.70 -28.81 7.34
CA ALA B 269 6.72 -29.79 7.01
C ALA B 269 6.18 -31.21 7.12
N GLU B 270 5.33 -31.46 8.12
CA GLU B 270 4.76 -32.80 8.29
C GLU B 270 3.88 -33.15 7.11
N ILE B 271 3.09 -32.18 6.64
CA ILE B 271 2.25 -32.42 5.48
C ILE B 271 3.09 -32.66 4.25
N ALA B 272 4.09 -31.80 4.04
CA ALA B 272 4.97 -31.91 2.87
C ALA B 272 5.70 -33.24 2.87
N GLN B 273 6.19 -33.69 4.03
CA GLN B 273 6.87 -34.97 4.05
CA GLN B 273 6.86 -34.98 4.11
C GLN B 273 5.93 -36.11 3.69
N ARG B 274 4.65 -36.04 4.12
CA ARG B 274 3.69 -37.06 3.72
C ARG B 274 3.43 -37.04 2.21
N TYR B 275 3.33 -35.85 1.62
CA TYR B 275 3.23 -35.74 0.17
C TYR B 275 4.45 -36.33 -0.54
N LEU B 276 5.65 -36.00 -0.05
CA LEU B 276 6.84 -36.55 -0.67
C LEU B 276 6.81 -38.06 -0.64
N ARG B 277 6.40 -38.64 0.50
CA ARG B 277 6.42 -40.09 0.63
C ARG B 277 5.33 -40.72 -0.22
N GLU B 278 4.11 -40.21 -0.11
CA GLU B 278 2.98 -40.90 -0.72
C GLU B 278 2.75 -40.54 -2.17
N LEU B 279 3.48 -39.56 -2.72
CA LEU B 279 3.48 -39.30 -4.15
C LEU B 279 4.70 -39.87 -4.84
N ALA B 280 5.57 -40.55 -4.10
CA ALA B 280 6.78 -41.13 -4.68
C ALA B 280 6.44 -42.19 -5.71
N ASP B 281 5.37 -42.95 -5.50
CA ASP B 281 4.95 -43.97 -6.45
C ASP B 281 3.82 -43.51 -7.35
N THR B 282 3.74 -42.21 -7.60
CA THR B 282 2.92 -41.61 -8.63
C THR B 282 3.85 -40.91 -9.60
N PRO B 283 3.40 -40.63 -10.84
CA PRO B 283 4.28 -39.96 -11.80
C PRO B 283 4.37 -38.45 -11.57
N PHE B 284 3.59 -37.89 -10.65
CA PHE B 284 3.73 -36.49 -10.31
C PHE B 284 5.08 -36.24 -9.64
N LYS B 285 5.76 -35.18 -10.05
CA LYS B 285 7.16 -34.99 -9.67
C LYS B 285 7.32 -33.74 -8.81
N PRO B 286 7.53 -33.87 -7.50
CA PRO B 286 7.83 -32.69 -6.67
C PRO B 286 9.13 -32.03 -7.06
N LEU B 287 9.34 -30.81 -6.56
CA LEU B 287 10.63 -30.19 -6.67
C LEU B 287 11.67 -30.97 -5.88
N THR B 288 12.93 -30.83 -6.29
CA THR B 288 14.03 -31.48 -5.59
CA THR B 288 14.05 -31.48 -5.60
C THR B 288 14.51 -30.60 -4.45
N ILE B 289 14.93 -31.27 -3.39
CA ILE B 289 15.42 -30.61 -2.19
C ILE B 289 16.89 -30.23 -2.42
N PRO B 290 17.27 -28.97 -2.23
CA PRO B 290 18.66 -28.56 -2.47
C PRO B 290 19.67 -29.33 -1.63
N ALA B 291 20.86 -29.46 -2.19
CA ALA B 291 21.95 -30.16 -1.54
C ALA B 291 22.64 -29.35 -0.46
N TRP B 292 22.53 -28.02 -0.49
CA TRP B 292 23.16 -27.20 0.54
C TRP B 292 22.30 -27.26 1.80
N ASP B 293 22.95 -27.09 2.95
CA ASP B 293 22.26 -27.22 4.21
CA ASP B 293 22.28 -27.20 4.23
C ASP B 293 21.19 -26.14 4.35
N HIS B 294 20.01 -26.57 4.74
CA HIS B 294 18.89 -25.65 4.85
C HIS B 294 17.80 -26.24 5.75
N GLN B 295 16.89 -25.37 6.17
CA GLN B 295 15.61 -25.77 6.71
C GLN B 295 14.53 -25.17 5.80
N HIS B 296 13.69 -26.04 5.25
CA HIS B 296 12.66 -25.65 4.31
C HIS B 296 11.46 -25.11 5.07
N ALA B 297 10.91 -23.98 4.65
CA ALA B 297 9.71 -23.44 5.27
C ALA B 297 8.42 -24.06 4.73
N TRP B 298 8.46 -24.72 3.60
CA TRP B 298 7.28 -25.39 3.03
C TRP B 298 6.11 -24.42 2.89
N HIS B 299 6.38 -23.38 2.12
CA HIS B 299 5.34 -22.45 1.74
C HIS B 299 4.40 -23.06 0.70
N LEU B 300 4.96 -23.73 -0.32
CA LEU B 300 4.19 -24.35 -1.38
C LEU B 300 4.64 -25.78 -1.55
N PHE B 301 3.71 -26.65 -1.94
CA PHE B 301 4.05 -27.99 -2.38
C PHE B 301 3.73 -28.07 -3.86
N ILE B 302 4.77 -27.99 -4.67
CA ILE B 302 4.64 -27.93 -6.11
C ILE B 302 4.89 -29.30 -6.71
N ILE B 303 4.05 -29.68 -7.68
CA ILE B 303 4.28 -30.88 -8.47
C ILE B 303 4.35 -30.49 -9.95
N ARG B 304 5.18 -31.22 -10.68
CA ARG B 304 5.18 -31.15 -12.13
C ARG B 304 4.31 -32.26 -12.68
N VAL B 305 3.51 -31.90 -13.67
CA VAL B 305 2.52 -32.78 -14.29
C VAL B 305 2.85 -32.86 -15.76
N ASP B 306 3.53 -33.95 -16.14
CA ASP B 306 3.90 -34.21 -17.52
C ASP B 306 2.89 -35.18 -18.11
N GLU B 307 2.16 -34.74 -19.14
CA GLU B 307 1.12 -35.57 -19.72
C GLU B 307 1.66 -36.91 -20.20
N ALA B 308 2.85 -36.93 -20.80
CA ALA B 308 3.45 -38.18 -21.21
C ALA B 308 3.66 -39.13 -20.03
N ALA B 309 4.09 -38.60 -18.88
CA ALA B 309 4.34 -39.46 -17.73
C ALA B 309 3.07 -39.74 -16.92
N CYS B 310 2.18 -38.75 -16.82
CA CYS B 310 1.08 -38.79 -15.86
C CYS B 310 -0.22 -39.24 -16.49
N GLY B 311 -0.34 -39.18 -17.81
CA GLY B 311 -1.58 -39.47 -18.51
C GLY B 311 -2.61 -38.37 -18.43
N ILE B 312 -2.23 -37.21 -17.87
CA ILE B 312 -3.12 -36.06 -17.66
C ILE B 312 -2.25 -34.82 -17.73
N SER B 313 -2.80 -33.74 -18.28
CA SER B 313 -2.08 -32.46 -18.33
C SER B 313 -2.26 -31.66 -17.05
N ARG B 314 -1.37 -30.69 -16.86
CA ARG B 314 -1.46 -29.82 -15.69
C ARG B 314 -2.80 -29.11 -15.62
N ASP B 315 -3.23 -28.50 -16.72
CA ASP B 315 -4.50 -27.77 -16.71
C ASP B 315 -5.65 -28.70 -16.39
N VAL B 316 -5.67 -29.88 -17.00
CA VAL B 316 -6.79 -30.79 -16.79
C VAL B 316 -6.77 -31.32 -15.36
N LEU B 317 -5.59 -31.55 -14.80
CA LEU B 317 -5.50 -31.97 -13.41
C LEU B 317 -6.08 -30.90 -12.50
N MET B 318 -5.71 -29.63 -12.71
CA MET B 318 -6.29 -28.58 -11.89
C MET B 318 -7.80 -28.55 -12.00
N GLU B 319 -8.33 -28.70 -13.22
CA GLU B 319 -9.78 -28.68 -13.41
C GLU B 319 -10.46 -29.88 -12.74
N LYS B 320 -9.89 -31.08 -12.88
CA LYS B 320 -10.56 -32.24 -12.30
C LYS B 320 -10.47 -32.21 -10.78
N LEU B 321 -9.33 -31.76 -10.23
CA LEU B 321 -9.23 -31.56 -8.79
C LEU B 321 -10.30 -30.59 -8.29
N LYS B 322 -10.48 -29.47 -9.00
CA LYS B 322 -11.53 -28.52 -8.59
C LYS B 322 -12.91 -29.18 -8.59
N ALA B 323 -13.21 -29.96 -9.62
CA ALA B 323 -14.49 -30.70 -9.66
C ALA B 323 -14.63 -31.65 -8.48
N MET B 324 -13.53 -32.09 -7.88
CA MET B 324 -13.56 -32.95 -6.70
C MET B 324 -13.49 -32.14 -5.41
N GLY B 325 -13.60 -30.82 -5.50
CA GLY B 325 -13.57 -29.98 -4.31
C GLY B 325 -12.18 -29.67 -3.78
N ILE B 326 -11.16 -29.74 -4.62
CA ILE B 326 -9.77 -29.55 -4.19
C ILE B 326 -9.16 -28.42 -5.00
N GLY B 327 -8.77 -27.35 -4.31
CA GLY B 327 -8.15 -26.22 -4.98
C GLY B 327 -6.67 -26.42 -5.23
N THR B 328 -6.19 -25.73 -6.26
CA THR B 328 -4.78 -25.71 -6.63
C THR B 328 -4.40 -24.30 -7.04
N GLY B 329 -3.10 -24.01 -7.02
CA GLY B 329 -2.59 -22.74 -7.51
C GLY B 329 -1.51 -22.95 -8.56
N LEU B 330 -1.19 -21.86 -9.23
CA LEU B 330 -0.15 -21.86 -10.26
C LEU B 330 0.85 -20.78 -9.84
N HIS B 331 1.95 -21.23 -9.24
CA HIS B 331 3.04 -20.38 -8.77
C HIS B 331 4.31 -20.82 -9.49
N PHE B 332 4.62 -20.28 -10.67
CA PHE B 332 3.93 -19.19 -11.35
C PHE B 332 3.94 -19.42 -12.85
N ARG B 333 3.03 -18.76 -13.54
CA ARG B 333 3.19 -18.60 -14.98
C ARG B 333 4.36 -17.65 -15.22
N ALA B 334 5.42 -18.17 -15.86
CA ALA B 334 6.65 -17.40 -16.04
C ALA B 334 6.38 -16.03 -16.65
N ALA B 335 7.05 -15.01 -16.09
CA ALA B 335 6.72 -13.64 -16.47
C ALA B 335 6.90 -13.41 -17.96
N HIS B 336 7.96 -13.99 -18.55
CA HIS B 336 8.28 -13.68 -19.95
C HIS B 336 7.28 -14.26 -20.94
N THR B 337 6.38 -15.11 -20.49
CA THR B 337 5.34 -15.66 -21.34
C THR B 337 4.06 -14.85 -21.27
N GLN B 338 4.00 -13.85 -20.41
CA GLN B 338 2.81 -13.01 -20.27
C GLN B 338 2.89 -11.83 -21.23
N LYS B 339 1.70 -11.42 -21.72
CA LYS B 339 1.60 -10.54 -22.88
C LYS B 339 2.62 -9.42 -22.90
N TYR B 340 2.67 -8.58 -21.85
CA TYR B 340 3.56 -7.43 -21.91
C TYR B 340 4.99 -7.85 -22.14
N TYR B 341 5.46 -8.87 -21.40
CA TYR B 341 6.87 -9.27 -21.47
C TYR B 341 7.14 -10.10 -22.72
N ARG B 342 6.17 -10.90 -23.14
CA ARG B 342 6.30 -11.67 -24.38
C ARG B 342 6.39 -10.78 -25.60
N GLU B 343 5.73 -9.62 -25.58
CA GLU B 343 5.77 -8.70 -26.70
C GLU B 343 6.88 -7.68 -26.59
N ARG B 344 7.29 -7.33 -25.36
CA ARG B 344 8.39 -6.39 -25.20
C ARG B 344 9.73 -7.08 -25.32
N PHE B 345 9.82 -8.32 -24.86
CA PHE B 345 11.08 -9.09 -24.85
C PHE B 345 10.84 -10.44 -25.52
N PRO B 346 10.39 -10.43 -26.78
CA PRO B 346 10.11 -11.71 -27.47
C PRO B 346 11.34 -12.60 -27.63
N GLU B 347 12.55 -12.03 -27.55
CA GLU B 347 13.76 -12.82 -27.72
C GLU B 347 14.04 -13.75 -26.54
N VAL B 348 13.42 -13.52 -25.39
CA VAL B 348 13.74 -14.29 -24.20
C VAL B 348 13.34 -15.74 -24.42
N SER B 349 14.30 -16.66 -24.24
CA SER B 349 14.07 -18.09 -24.43
C SER B 349 14.75 -18.84 -23.28
N LEU B 350 13.96 -19.43 -22.40
CA LEU B 350 14.42 -19.93 -21.10
C LEU B 350 13.88 -21.35 -20.97
N PRO B 351 14.63 -22.37 -21.42
CA PRO B 351 14.01 -23.70 -21.56
C PRO B 351 13.53 -24.32 -20.26
N ASN B 352 14.29 -24.23 -19.17
CA ASN B 352 13.84 -24.88 -17.94
C ASN B 352 12.60 -24.21 -17.40
N THR B 353 12.59 -22.87 -17.44
CA THR B 353 11.43 -22.08 -17.04
C THR B 353 10.21 -22.43 -17.85
N GLU B 354 10.36 -22.50 -19.17
CA GLU B 354 9.21 -22.74 -20.01
C GLU B 354 8.66 -24.14 -19.80
N TRP B 355 9.55 -25.14 -19.66
CA TRP B 355 9.10 -26.50 -19.42
C TRP B 355 8.31 -26.58 -18.11
N ASN B 356 8.85 -26.01 -17.04
CA ASN B 356 8.18 -26.10 -15.74
C ASN B 356 6.91 -25.24 -15.70
N SER B 357 6.96 -24.03 -16.25
CA SER B 357 5.81 -23.13 -16.14
C SER B 357 4.57 -23.76 -16.74
N ALA B 358 4.72 -24.59 -17.76
CA ALA B 358 3.60 -25.27 -18.39
C ALA B 358 3.15 -26.48 -17.61
N ARG B 359 3.93 -26.95 -16.64
CA ARG B 359 3.66 -28.22 -15.98
C ARG B 359 3.45 -28.15 -14.46
N ILE B 360 3.67 -27.02 -13.81
CA ILE B 360 3.63 -26.96 -12.35
C ILE B 360 2.23 -26.61 -11.86
N CYS B 361 1.91 -27.14 -10.68
CA CYS B 361 0.82 -26.57 -9.90
C CYS B 361 1.13 -26.82 -8.42
N SER B 362 0.44 -26.06 -7.58
CA SER B 362 0.60 -26.09 -6.13
C SER B 362 -0.62 -26.78 -5.54
N ILE B 363 -0.41 -27.88 -4.82
CA ILE B 363 -1.51 -28.60 -4.19
C ILE B 363 -1.68 -28.08 -2.77
N PRO B 364 -2.80 -28.38 -2.12
CA PRO B 364 -3.10 -27.75 -0.81
C PRO B 364 -2.00 -27.99 0.21
N LEU B 365 -1.53 -26.90 0.83
CA LEU B 365 -0.51 -26.97 1.87
C LEU B 365 -0.73 -25.77 2.77
N PHE B 366 -1.25 -26.02 3.97
CA PHE B 366 -1.41 -24.97 4.97
C PHE B 366 -1.63 -25.64 6.32
N PRO B 367 -1.27 -24.99 7.44
CA PRO B 367 -1.16 -25.76 8.69
C PRO B 367 -2.51 -26.13 9.28
N ASP B 368 -3.61 -25.53 8.83
CA ASP B 368 -4.93 -25.92 9.30
C ASP B 368 -5.47 -27.15 8.58
N MET B 369 -4.69 -27.76 7.69
CA MET B 369 -5.10 -29.01 7.08
C MET B 369 -5.01 -30.13 8.09
N THR B 370 -6.07 -30.95 8.14
CA THR B 370 -6.07 -32.15 8.95
C THR B 370 -5.47 -33.34 8.20
N ASP B 371 -5.20 -34.40 8.94
CA ASP B 371 -4.74 -35.62 8.28
C ASP B 371 -5.71 -36.05 7.19
N ASP B 372 -7.01 -35.93 7.45
CA ASP B 372 -8.00 -36.37 6.46
C ASP B 372 -7.97 -35.47 5.23
N ASP B 373 -7.72 -34.17 5.42
CA ASP B 373 -7.56 -33.28 4.27
C ASP B 373 -6.40 -33.75 3.39
N VAL B 374 -5.28 -34.11 4.00
CA VAL B 374 -4.11 -34.55 3.25
C VAL B 374 -4.42 -35.87 2.55
N THR B 375 -5.09 -36.78 3.23
CA THR B 375 -5.46 -38.05 2.62
C THR B 375 -6.37 -37.83 1.41
N ARG B 376 -7.28 -36.87 1.52
CA ARG B 376 -8.16 -36.55 0.40
C ARG B 376 -7.36 -36.13 -0.83
N VAL B 377 -6.35 -35.29 -0.64
CA VAL B 377 -5.54 -34.82 -1.77
C VAL B 377 -4.77 -35.99 -2.37
N ILE B 378 -4.11 -36.76 -1.52
CA ILE B 378 -3.31 -37.88 -2.00
C ILE B 378 -4.18 -38.86 -2.75
N THR B 379 -5.34 -39.20 -2.18
CA THR B 379 -6.27 -40.12 -2.84
C THR B 379 -6.69 -39.60 -4.22
N ALA B 380 -7.00 -38.31 -4.34
CA ALA B 380 -7.42 -37.77 -5.63
C ALA B 380 -6.29 -37.85 -6.65
N LEU B 381 -5.07 -37.53 -6.24
CA LEU B 381 -3.96 -37.59 -7.17
C LEU B 381 -3.71 -39.02 -7.64
N HIS B 382 -3.81 -40.00 -6.74
CA HIS B 382 -3.65 -41.38 -7.17
C HIS B 382 -4.75 -41.76 -8.13
N GLN B 383 -5.98 -41.27 -7.90
CA GLN B 383 -7.10 -41.60 -8.76
C GLN B 383 -6.92 -40.99 -10.14
N LEU B 384 -6.38 -39.78 -10.19
CA LEU B 384 -6.28 -39.04 -11.44
C LEU B 384 -5.03 -39.40 -12.23
N SER B 385 -4.08 -40.14 -11.64
CA SER B 385 -2.91 -40.62 -12.39
C SER B 385 -3.37 -41.52 -13.52
#